data_3B6H
#
_entry.id   3B6H
#
_cell.length_a   68.762
_cell.length_b   106.072
_cell.length_c   73.901
_cell.angle_alpha   90.00
_cell.angle_beta   91.81
_cell.angle_gamma   90.00
#
_symmetry.space_group_name_H-M   'P 1 21 1'
#
loop_
_entity.id
_entity.type
_entity.pdbx_description
1 polymer 'Prostacyclin synthase'
2 non-polymer 'octyl beta-D-glucopyranoside'
3 non-polymer '6-PIPERIDIN-1-YLPYRIMIDINE-2,4-DIAMINE 3-OXIDE'
4 non-polymer 'PROTOPORPHYRIN IX CONTAINING FE'
5 water water
#
_entity_poly.entity_id   1
_entity_poly.type   'polypeptide(L)'
_entity_poly.pdbx_seq_one_letter_code
;MAKKTSSLLSRRRTRRPGEPPLDLGSIPWLGYALDFGKDAASFLTRMKEKHGDIFTILVGGRYVTVLLDPHSYDAVVWEP
RTRLDFHAYAIFLMERIFDVQLPHYSPSDEKARMKLTLLHRELQALTEAMYTNLHAVLLGDATEAGSGWHEMGLLDFSYS
FLLRAGYLTLYGIEALPRTHESQAQDRVHSADVFHTFRQLDRLLPKLARGSLSVGDKDHMCSVKSRLWKLLSPARLARRA
HRSKWLESYLLHLEEMGVSEEMQARALVLQLWATQGNMGPAAFWLLLFLLKNPEALAAVRGELESILWQAEQPVSQTTTL
PQKVLDSTPVLDSVLSESLRLTAAPFITREVVVDLAMPMADGREFNLRRGDRLLLFPFLSPQRDPEIYTDPEVFKYNRFL
NPDGSEKKDFYKDGKRLKNYNMPWGAGHNHCLGRSYAVNSIKQFVFLVLVHLDLELINADVEIPEFDLSRYGFGLMQPEH
DVPVRYRIRPHHHHHHHH
;
_entity_poly.pdbx_strand_id   A,B
#
loop_
_chem_comp.id
_chem_comp.type
_chem_comp.name
_chem_comp.formula
BOG D-saccharide 'octyl beta-D-glucopyranoside' 'C14 H28 O6'
HEM non-polymer 'PROTOPORPHYRIN IX CONTAINING FE' 'C34 H32 Fe N4 O4'
MXD non-polymer '6-PIPERIDIN-1-YLPYRIMIDINE-2,4-DIAMINE 3-OXIDE' 'C9 H15 N5 O'
#
# COMPACT_ATOMS: atom_id res chain seq x y z
N ARG A 13 3.97 16.75 56.19
CA ARG A 13 4.47 15.38 56.29
C ARG A 13 5.99 15.38 56.49
N THR A 14 6.43 14.56 57.43
CA THR A 14 7.85 14.40 57.72
C THR A 14 8.25 12.97 57.40
N ARG A 15 9.39 12.82 56.71
CA ARG A 15 9.92 11.53 56.35
C ARG A 15 10.22 10.66 57.57
N ARG A 16 9.92 9.37 57.45
CA ARG A 16 10.21 8.39 58.49
C ARG A 16 11.36 7.47 58.05
N PRO A 17 12.02 6.80 59.01
CA PRO A 17 13.13 5.90 58.70
C PRO A 17 12.79 4.87 57.62
N GLY A 18 13.70 4.68 56.67
CA GLY A 18 13.54 3.68 55.62
C GLY A 18 12.59 4.05 54.49
N GLU A 19 12.03 5.27 54.54
CA GLU A 19 11.13 5.72 53.47
C GLU A 19 11.94 6.31 52.32
N PRO A 20 11.36 6.33 51.11
CA PRO A 20 12.04 6.99 49.99
C PRO A 20 12.30 8.48 50.27
N PRO A 21 13.17 9.13 49.47
CA PRO A 21 13.28 10.59 49.53
C PRO A 21 11.90 11.23 49.41
N LEU A 22 11.68 12.30 50.18
CA LEU A 22 10.39 12.98 50.23
C LEU A 22 10.49 14.41 49.71
N ASP A 23 9.60 14.77 48.80
CA ASP A 23 9.63 16.09 48.16
C ASP A 23 8.24 16.68 48.12
N LEU A 24 7.99 17.67 48.99
CA LEU A 24 6.64 18.24 49.16
C LEU A 24 6.35 19.45 48.28
N GLY A 25 7.38 19.96 47.61
CA GLY A 25 7.25 21.20 46.83
C GLY A 25 7.06 22.40 47.72
N SER A 26 6.48 23.46 47.15
CA SER A 26 6.29 24.73 47.85
C SER A 26 4.85 24.95 48.32
N ILE A 27 3.89 24.62 47.45
CA ILE A 27 2.49 24.93 47.68
C ILE A 27 1.84 23.93 48.65
N PRO A 28 1.32 24.42 49.80
CA PRO A 28 0.68 23.56 50.79
C PRO A 28 -0.50 22.77 50.19
N TRP A 29 -0.59 21.49 50.59
CA TRP A 29 -1.62 20.55 50.14
C TRP A 29 -1.51 20.17 48.65
N LEU A 30 -1.54 21.16 47.76
CA LEU A 30 -1.45 20.92 46.32
C LEU A 30 -0.11 20.29 45.89
N GLY A 31 0.97 20.70 46.55
CA GLY A 31 2.31 20.22 46.21
C GLY A 31 2.61 20.43 44.74
N TYR A 32 2.83 19.32 44.02
CA TYR A 32 3.17 19.36 42.60
C TYR A 32 2.01 19.06 41.66
N ALA A 33 0.78 19.28 42.13
CA ALA A 33 -0.41 19.03 41.32
C ALA A 33 -0.33 19.67 39.93
N LEU A 34 0.12 20.92 39.89
CA LEU A 34 0.19 21.66 38.62
C LEU A 34 1.24 21.07 37.68
N ASP A 35 2.43 20.82 38.21
CA ASP A 35 3.56 20.30 37.42
C ASP A 35 3.24 18.91 36.88
N PHE A 36 2.77 18.04 37.76
CA PHE A 36 2.42 16.67 37.40
C PHE A 36 1.31 16.66 36.35
N GLY A 37 0.28 17.47 36.56
CA GLY A 37 -0.85 17.53 35.63
C GLY A 37 -0.49 18.06 34.25
N LYS A 38 0.36 19.07 34.21
CA LYS A 38 0.74 19.74 32.96
C LYS A 38 1.58 18.85 32.03
N ASP A 39 2.53 18.12 32.61
CA ASP A 39 3.46 17.30 31.84
C ASP A 39 4.12 16.30 32.77
N ALA A 40 3.43 15.17 33.00
CA ALA A 40 3.88 14.22 33.99
C ALA A 40 5.24 13.62 33.64
N ALA A 41 5.48 13.39 32.36
CA ALA A 41 6.74 12.75 31.94
C ALA A 41 7.93 13.65 32.20
N SER A 42 7.82 14.93 31.83
CA SER A 42 8.93 15.85 32.04
C SER A 42 9.19 16.05 33.52
N PHE A 43 8.11 16.23 34.29
CA PHE A 43 8.20 16.44 35.72
C PHE A 43 8.87 15.25 36.40
N LEU A 44 8.44 14.04 36.08
CA LEU A 44 9.00 12.85 36.71
C LEU A 44 10.45 12.59 36.27
N THR A 45 10.79 12.96 35.04
CA THR A 45 12.17 12.84 34.57
C THR A 45 13.10 13.72 35.43
N ARG A 46 12.67 14.94 35.72
CA ARG A 46 13.43 15.84 36.58
C ARG A 46 13.55 15.27 37.99
N MET A 47 12.47 14.71 38.50
CA MET A 47 12.47 14.11 39.83
C MET A 47 13.41 12.90 39.91
N LYS A 48 13.49 12.12 38.82
CA LYS A 48 14.45 11.01 38.74
C LYS A 48 15.90 11.53 38.80
N GLU A 49 16.17 12.60 38.08
CA GLU A 49 17.50 13.25 38.10
C GLU A 49 17.84 13.75 39.51
N LYS A 50 16.85 14.32 40.19
CA LYS A 50 17.04 14.89 41.51
C LYS A 50 17.19 13.82 42.60
N HIS A 51 16.37 12.77 42.54
CA HIS A 51 16.20 11.83 43.66
C HIS A 51 16.60 10.38 43.40
N GLY A 52 16.73 10.00 42.13
CA GLY A 52 16.95 8.61 41.79
C GLY A 52 15.68 7.87 41.41
N ASP A 53 15.74 6.55 41.43
CA ASP A 53 14.69 5.68 40.88
C ASP A 53 13.44 5.54 41.74
N ILE A 54 13.49 6.05 42.97
CA ILE A 54 12.32 5.99 43.86
C ILE A 54 12.24 7.25 44.74
N PHE A 55 11.06 7.84 44.82
CA PHE A 55 10.85 9.08 45.56
C PHE A 55 9.38 9.29 45.83
N THR A 56 9.07 10.08 46.84
CA THR A 56 7.70 10.37 47.23
C THR A 56 7.41 11.86 47.05
N ILE A 57 6.30 12.16 46.38
CA ILE A 57 5.90 13.54 46.10
C ILE A 57 4.49 13.82 46.59
N LEU A 58 4.26 15.06 47.00
CA LEU A 58 2.92 15.52 47.30
C LEU A 58 2.25 15.99 46.02
N VAL A 59 1.09 15.41 45.70
CA VAL A 59 0.32 15.80 44.52
C VAL A 59 -1.16 15.86 44.87
N GLY A 60 -1.71 17.07 44.92
CA GLY A 60 -3.13 17.29 45.19
C GLY A 60 -3.61 16.62 46.46
N GLY A 61 -2.84 16.78 47.53
CA GLY A 61 -3.18 16.23 48.84
C GLY A 61 -2.84 14.76 49.04
N ARG A 62 -2.44 14.08 47.96
CA ARG A 62 -2.05 12.66 48.04
C ARG A 62 -0.53 12.57 48.05
N TYR A 63 -0.02 11.57 48.77
CA TYR A 63 1.42 11.27 48.73
C TYR A 63 1.64 10.09 47.80
N VAL A 64 2.39 10.36 46.74
CA VAL A 64 2.59 9.40 45.68
C VAL A 64 4.05 8.99 45.64
N THR A 65 4.32 7.73 45.88
CA THR A 65 5.66 7.19 45.73
C THR A 65 5.80 6.67 44.31
N VAL A 66 6.78 7.21 43.61
CA VAL A 66 7.03 6.88 42.21
C VAL A 66 8.23 5.94 42.13
N LEU A 67 8.04 4.80 41.48
CA LEU A 67 9.09 3.81 41.26
C LEU A 67 9.42 3.75 39.77
N LEU A 68 10.70 3.92 39.43
CA LEU A 68 11.13 4.00 38.04
C LEU A 68 12.26 3.02 37.69
N ASP A 69 12.57 2.11 38.60
CA ASP A 69 13.53 1.04 38.32
C ASP A 69 12.80 -0.15 37.69
N PRO A 70 13.00 -0.37 36.37
CA PRO A 70 12.23 -1.42 35.69
C PRO A 70 12.52 -2.83 36.22
N HIS A 71 13.70 -3.04 36.81
CA HIS A 71 14.00 -4.34 37.41
C HIS A 71 13.12 -4.62 38.64
N SER A 72 12.61 -3.57 39.27
CA SER A 72 11.82 -3.69 40.50
C SER A 72 10.32 -3.79 40.23
N TYR A 73 9.92 -3.61 38.97
CA TYR A 73 8.51 -3.60 38.64
C TYR A 73 7.81 -4.92 38.92
N ASP A 74 8.49 -6.03 38.62
CA ASP A 74 7.85 -7.36 38.66
C ASP A 74 7.27 -7.72 40.01
N ALA A 75 8.03 -7.45 41.07
CA ALA A 75 7.57 -7.63 42.44
C ALA A 75 6.22 -6.93 42.63
N VAL A 76 6.21 -5.62 42.39
CA VAL A 76 5.08 -4.72 42.65
C VAL A 76 3.79 -5.16 41.97
N VAL A 77 3.88 -5.44 40.66
CA VAL A 77 2.68 -5.61 39.84
C VAL A 77 1.91 -6.90 40.12
N TRP A 78 2.56 -7.83 40.82
CA TRP A 78 1.94 -9.11 41.20
C TRP A 78 1.51 -9.19 42.67
N GLU A 79 1.78 -8.14 43.44
CA GLU A 79 1.41 -8.11 44.87
C GLU A 79 -0.09 -8.31 45.06
N PRO A 80 -0.48 -9.07 46.11
CA PRO A 80 -1.90 -9.26 46.41
C PRO A 80 -2.58 -7.96 46.81
N ARG A 81 -3.91 -7.92 46.63
CA ARG A 81 -4.71 -6.75 46.92
C ARG A 81 -4.74 -6.40 48.41
N THR A 82 -4.32 -7.35 49.24
CA THR A 82 -4.20 -7.17 50.69
C THR A 82 -3.04 -6.24 51.04
N ARG A 83 -2.10 -6.09 50.11
CA ARG A 83 -0.95 -5.21 50.28
C ARG A 83 -1.03 -3.99 49.36
N LEU A 84 -1.23 -4.24 48.07
CA LEU A 84 -1.34 -3.17 47.06
C LEU A 84 -2.62 -3.33 46.25
N ASP A 85 -3.51 -2.35 46.41
CA ASP A 85 -4.83 -2.42 45.80
C ASP A 85 -4.75 -2.01 44.34
N PHE A 86 -5.17 -2.91 43.46
CA PHE A 86 -5.18 -2.66 42.01
C PHE A 86 -6.59 -2.43 41.44
N HIS A 87 -7.54 -2.12 42.31
CA HIS A 87 -8.94 -1.88 41.91
C HIS A 87 -9.32 -0.41 41.79
N ALA A 88 -8.51 0.48 42.36
CA ALA A 88 -8.88 1.90 42.51
C ALA A 88 -9.20 2.65 41.22
N TYR A 89 -8.36 2.49 40.18
CA TYR A 89 -8.58 3.17 38.91
C TYR A 89 -9.86 2.66 38.23
N ALA A 90 -10.05 1.34 38.22
CA ALA A 90 -11.25 0.75 37.63
C ALA A 90 -12.53 1.31 38.27
N ILE A 91 -12.55 1.39 39.59
CA ILE A 91 -13.68 1.96 40.33
C ILE A 91 -13.89 3.44 39.99
N PHE A 92 -12.79 4.19 39.96
CA PHE A 92 -12.79 5.61 39.63
C PHE A 92 -13.36 5.83 38.23
N LEU A 93 -12.87 5.07 37.26
CA LEU A 93 -13.32 5.18 35.88
C LEU A 93 -14.80 4.84 35.76
N MET A 94 -15.18 3.70 36.32
CA MET A 94 -16.54 3.20 36.15
C MET A 94 -17.56 4.13 36.78
N GLU A 95 -17.33 4.50 38.05
CA GLU A 95 -18.31 5.22 38.84
C GLU A 95 -18.25 6.75 38.70
N ARG A 96 -17.03 7.27 38.59
CA ARG A 96 -16.75 8.71 38.65
C ARG A 96 -16.65 9.37 37.26
N ILE A 97 -16.25 8.59 36.25
CA ILE A 97 -16.07 9.14 34.90
C ILE A 97 -17.22 8.77 33.99
N PHE A 98 -17.62 7.51 34.04
CA PHE A 98 -18.65 7.00 33.14
C PHE A 98 -20.01 6.85 33.79
N ASP A 99 -20.09 7.20 35.07
CA ASP A 99 -21.36 7.27 35.81
C ASP A 99 -22.09 5.92 35.89
N VAL A 100 -21.32 4.84 35.99
CA VAL A 100 -21.87 3.49 36.09
C VAL A 100 -21.94 3.03 37.54
N GLN A 101 -23.09 2.49 37.95
CA GLN A 101 -23.25 1.85 39.26
C GLN A 101 -23.73 0.42 39.10
N LEU A 102 -22.92 -0.53 39.54
CA LEU A 102 -23.27 -1.95 39.46
C LEU A 102 -23.36 -2.55 40.87
N PRO A 103 -24.26 -3.53 41.08
CA PRO A 103 -24.36 -4.16 42.40
C PRO A 103 -23.20 -5.12 42.66
N HIS A 104 -22.85 -5.30 43.94
CA HIS A 104 -21.74 -6.17 44.37
C HIS A 104 -20.50 -6.08 43.48
N TYR A 105 -20.21 -4.88 42.98
CA TYR A 105 -19.16 -4.68 41.99
C TYR A 105 -17.75 -5.05 42.47
N SER A 106 -17.05 -5.83 41.64
CA SER A 106 -15.65 -6.19 41.89
C SER A 106 -14.87 -6.21 40.58
N PRO A 107 -13.90 -5.28 40.42
CA PRO A 107 -13.10 -5.23 39.20
C PRO A 107 -12.43 -6.56 38.83
N SER A 108 -11.98 -7.31 39.83
CA SER A 108 -11.38 -8.64 39.60
C SER A 108 -12.37 -9.63 39.01
N ASP A 109 -13.59 -9.63 39.53
CA ASP A 109 -14.66 -10.50 39.07
C ASP A 109 -15.06 -10.18 37.62
N GLU A 110 -15.24 -8.90 37.33
CA GLU A 110 -15.60 -8.43 35.99
C GLU A 110 -14.51 -8.77 34.98
N LYS A 111 -13.26 -8.64 35.42
CA LYS A 111 -12.09 -8.93 34.61
C LYS A 111 -11.99 -10.43 34.29
N ALA A 112 -12.22 -11.26 35.30
CA ALA A 112 -12.19 -12.72 35.16
C ALA A 112 -13.26 -13.24 34.19
N ARG A 113 -14.46 -12.67 34.28
CA ARG A 113 -15.56 -13.02 33.38
C ARG A 113 -15.26 -12.64 31.93
N MET A 114 -14.64 -11.48 31.74
CA MET A 114 -14.30 -10.98 30.41
C MET A 114 -13.21 -11.85 29.77
N LYS A 115 -12.28 -12.32 30.60
CA LYS A 115 -11.20 -13.20 30.15
C LYS A 115 -11.77 -14.46 29.50
N LEU A 116 -12.80 -15.03 30.14
CA LEU A 116 -13.44 -16.25 29.66
C LEU A 116 -14.11 -16.07 28.29
N THR A 117 -14.35 -14.81 27.92
CA THR A 117 -14.97 -14.49 26.63
C THR A 117 -13.95 -13.98 25.61
N LEU A 118 -12.68 -13.98 26.02
CA LEU A 118 -11.60 -13.43 25.20
C LEU A 118 -10.42 -14.39 25.10
N LEU A 119 -10.71 -15.69 25.19
CA LEU A 119 -9.68 -16.72 25.01
C LEU A 119 -9.24 -16.74 23.55
N HIS A 120 -8.13 -17.43 23.28
CA HIS A 120 -7.54 -17.45 21.94
C HIS A 120 -8.53 -17.71 20.79
N ARG A 121 -9.40 -18.72 20.95
CA ARG A 121 -10.39 -19.06 19.92
C ARG A 121 -11.36 -17.91 19.61
N GLU A 122 -11.79 -17.19 20.64
CA GLU A 122 -12.72 -16.08 20.43
C GLU A 122 -12.04 -14.87 19.83
N LEU A 123 -10.80 -14.60 20.26
CA LEU A 123 -10.02 -13.52 19.69
C LEU A 123 -9.76 -13.73 18.20
N GLN A 124 -9.66 -14.99 17.78
CA GLN A 124 -9.48 -15.31 16.37
C GLN A 124 -10.77 -15.11 15.56
N ALA A 125 -11.91 -15.34 16.20
CA ALA A 125 -13.22 -15.06 15.58
C ALA A 125 -13.42 -13.55 15.37
N LEU A 126 -13.01 -12.77 16.37
CA LEU A 126 -13.05 -11.31 16.30
C LEU A 126 -12.14 -10.78 15.19
N THR A 127 -10.98 -11.41 15.05
CA THR A 127 -9.98 -11.00 14.06
C THR A 127 -10.52 -11.12 12.63
N GLU A 128 -11.22 -12.21 12.35
CA GLU A 128 -11.84 -12.44 11.04
C GLU A 128 -12.95 -11.42 10.73
N ALA A 129 -13.82 -11.17 11.70
CA ALA A 129 -14.86 -10.15 11.55
C ALA A 129 -14.27 -8.76 11.39
N MET A 130 -13.19 -8.49 12.13
CA MET A 130 -12.51 -7.19 12.07
C MET A 130 -11.99 -6.86 10.67
N TYR A 131 -11.37 -7.83 9.99
CA TYR A 131 -10.89 -7.57 8.63
C TYR A 131 -12.04 -7.21 7.72
N THR A 132 -13.13 -7.97 7.81
CA THR A 132 -14.31 -7.72 7.00
C THR A 132 -14.84 -6.31 7.24
N ASN A 133 -14.91 -5.92 8.52
CA ASN A 133 -15.43 -4.59 8.87
C ASN A 133 -14.49 -3.44 8.51
N LEU A 134 -13.19 -3.64 8.71
CA LEU A 134 -12.18 -2.65 8.27
C LEU A 134 -12.27 -2.43 6.76
N HIS A 135 -12.28 -3.52 6.00
CA HIS A 135 -12.40 -3.49 4.56
C HIS A 135 -13.70 -2.79 4.14
N ALA A 136 -14.81 -3.19 4.76
CA ALA A 136 -16.13 -2.64 4.42
C ALA A 136 -16.23 -1.13 4.68
N VAL A 137 -15.75 -0.69 5.83
CA VAL A 137 -15.83 0.72 6.18
C VAL A 137 -14.84 1.56 5.37
N LEU A 138 -13.59 1.08 5.26
CA LEU A 138 -12.54 1.82 4.56
C LEU A 138 -12.86 1.93 3.07
N LEU A 139 -13.06 0.80 2.42
CA LEU A 139 -13.34 0.80 0.99
C LEU A 139 -14.74 1.31 0.67
N GLY A 140 -15.68 1.15 1.62
CA GLY A 140 -17.01 1.75 1.48
C GLY A 140 -16.96 3.26 1.45
N ASP A 141 -16.31 3.87 2.46
CA ASP A 141 -16.11 5.31 2.50
C ASP A 141 -15.35 5.82 1.27
N ALA A 142 -14.30 5.11 0.88
CA ALA A 142 -13.45 5.53 -0.24
C ALA A 142 -14.22 5.50 -1.55
N THR A 143 -15.04 4.46 -1.72
CA THR A 143 -15.89 4.31 -2.91
C THR A 143 -16.92 5.43 -3.00
N GLU A 144 -17.55 5.75 -1.88
CA GLU A 144 -18.52 6.85 -1.82
C GLU A 144 -17.88 8.17 -2.23
N ALA A 145 -16.63 8.37 -1.78
CA ALA A 145 -15.90 9.60 -2.05
C ALA A 145 -15.41 9.67 -3.51
N GLY A 146 -15.13 8.52 -4.10
CA GLY A 146 -14.69 8.45 -5.49
C GLY A 146 -13.20 8.25 -5.65
N SER A 147 -12.75 8.14 -6.90
CA SER A 147 -11.40 7.70 -7.24
C SER A 147 -10.25 8.70 -7.01
N GLY A 148 -10.56 9.97 -6.77
CA GLY A 148 -9.50 10.98 -6.59
C GLY A 148 -8.74 10.90 -5.27
N TRP A 149 -7.79 11.82 -5.10
CA TRP A 149 -7.17 12.04 -3.78
C TRP A 149 -8.20 12.69 -2.86
N HIS A 150 -8.17 12.30 -1.58
CA HIS A 150 -9.01 12.92 -0.57
C HIS A 150 -8.15 13.36 0.61
N GLU A 151 -8.38 14.58 1.09
CA GLU A 151 -7.60 15.15 2.20
C GLU A 151 -8.30 14.94 3.53
N MET A 152 -7.50 14.58 4.54
CA MET A 152 -8.01 14.26 5.87
C MET A 152 -6.84 14.38 6.83
N GLY A 153 -7.15 14.56 8.12
CA GLY A 153 -6.13 14.45 9.16
C GLY A 153 -5.81 12.97 9.38
N LEU A 154 -4.54 12.65 9.61
CA LEU A 154 -4.13 11.26 9.76
C LEU A 154 -4.72 10.60 11.01
N LEU A 155 -4.86 11.37 12.09
CA LEU A 155 -5.51 10.84 13.30
C LEU A 155 -6.99 10.59 13.04
N ASP A 156 -7.66 11.57 12.43
CA ASP A 156 -9.08 11.39 12.08
C ASP A 156 -9.25 10.13 11.22
N PHE A 157 -8.37 9.98 10.23
CA PHE A 157 -8.33 8.83 9.34
C PHE A 157 -8.19 7.52 10.13
N SER A 158 -7.14 7.43 10.94
CA SER A 158 -6.81 6.19 11.63
C SER A 158 -7.84 5.82 12.70
N TYR A 159 -8.25 6.82 13.48
CA TYR A 159 -9.15 6.63 14.61
C TYR A 159 -10.56 6.30 14.11
N SER A 160 -11.03 7.03 13.09
CA SER A 160 -12.36 6.74 12.51
C SER A 160 -12.46 5.29 12.04
N PHE A 161 -11.52 4.85 11.21
CA PHE A 161 -11.67 3.52 10.62
C PHE A 161 -11.49 2.41 11.63
N LEU A 162 -10.51 2.54 12.52
CA LEU A 162 -10.32 1.51 13.53
C LEU A 162 -11.46 1.44 14.55
N LEU A 163 -11.92 2.59 15.02
CA LEU A 163 -13.03 2.59 15.98
C LEU A 163 -14.33 2.10 15.35
N ARG A 164 -14.62 2.56 14.14
CA ARG A 164 -15.86 2.15 13.49
C ARG A 164 -15.87 0.64 13.25
N ALA A 165 -14.78 0.10 12.73
CA ALA A 165 -14.66 -1.35 12.55
C ALA A 165 -14.66 -2.13 13.86
N GLY A 166 -13.98 -1.62 14.89
CA GLY A 166 -13.97 -2.25 16.20
C GLY A 166 -15.35 -2.28 16.82
N TYR A 167 -16.06 -1.16 16.70
CA TYR A 167 -17.45 -1.08 17.12
C TYR A 167 -18.33 -2.12 16.42
N LEU A 168 -18.25 -2.18 15.09
CA LEU A 168 -19.05 -3.16 14.34
C LEU A 168 -18.70 -4.60 14.69
N THR A 169 -17.44 -4.84 15.00
CA THR A 169 -16.95 -6.18 15.34
C THR A 169 -17.43 -6.64 16.72
N LEU A 170 -17.35 -5.76 17.71
CA LEU A 170 -17.77 -6.11 19.05
C LEU A 170 -19.29 -6.04 19.23
N TYR A 171 -19.91 -4.98 18.70
CA TYR A 171 -21.32 -4.69 18.97
C TYR A 171 -22.29 -5.16 17.88
N GLY A 172 -21.76 -5.78 16.83
CA GLY A 172 -22.59 -6.31 15.75
C GLY A 172 -22.87 -5.37 14.60
N ILE A 173 -23.48 -5.92 13.55
CA ILE A 173 -23.77 -5.21 12.31
C ILE A 173 -25.27 -5.11 12.02
N GLU A 174 -25.64 -4.30 11.04
CA GLU A 174 -27.04 -4.07 10.69
C GLU A 174 -27.75 -5.34 10.25
N ALA A 175 -27.12 -6.11 9.37
CA ALA A 175 -27.74 -7.32 8.84
C ALA A 175 -26.75 -8.41 8.47
N LEU A 176 -27.21 -9.66 8.57
CA LEU A 176 -26.49 -10.81 8.06
C LEU A 176 -27.54 -11.74 7.47
N PRO A 177 -27.42 -12.07 6.16
CA PRO A 177 -26.33 -11.73 5.25
C PRO A 177 -26.18 -10.25 4.95
N ARG A 178 -24.97 -9.87 4.55
CA ARG A 178 -24.61 -8.50 4.26
C ARG A 178 -25.22 -8.04 2.94
N THR A 179 -25.80 -6.84 2.94
CA THR A 179 -26.36 -6.25 1.72
C THR A 179 -25.71 -4.89 1.45
N HIS A 180 -25.92 -4.38 0.24
CA HIS A 180 -25.45 -3.06 -0.14
C HIS A 180 -25.96 -1.97 0.81
N GLU A 181 -27.26 -2.00 1.11
CA GLU A 181 -27.90 -1.02 1.98
C GLU A 181 -27.59 -1.17 3.47
N SER A 182 -27.39 -2.42 3.91
CA SER A 182 -27.07 -2.67 5.32
C SER A 182 -25.65 -2.21 5.65
N GLN A 183 -24.72 -2.44 4.73
CA GLN A 183 -23.34 -1.98 4.87
C GLN A 183 -23.27 -0.45 4.84
N ALA A 184 -24.02 0.15 3.91
CA ALA A 184 -24.14 1.60 3.84
C ALA A 184 -24.70 2.18 5.14
N GLN A 185 -25.69 1.51 5.72
CA GLN A 185 -26.28 1.94 6.98
C GLN A 185 -25.27 1.85 8.12
N ASP A 186 -24.47 0.79 8.13
CA ASP A 186 -23.43 0.64 9.16
C ASP A 186 -22.31 1.66 9.01
N ARG A 187 -22.05 2.10 7.78
CA ARG A 187 -21.09 3.19 7.59
C ARG A 187 -21.58 4.49 8.21
N VAL A 188 -22.85 4.84 7.95
CA VAL A 188 -23.45 6.05 8.51
C VAL A 188 -23.58 5.95 10.04
N HIS A 189 -24.09 4.82 10.52
CA HIS A 189 -24.29 4.60 11.96
C HIS A 189 -22.96 4.61 12.71
N SER A 190 -21.98 3.85 12.22
CA SER A 190 -20.68 3.82 12.90
C SER A 190 -20.00 5.19 12.90
N ALA A 191 -20.16 5.95 11.82
CA ALA A 191 -19.65 7.32 11.76
C ALA A 191 -20.28 8.21 12.84
N ASP A 192 -21.59 8.06 13.08
CA ASP A 192 -22.28 8.79 14.14
C ASP A 192 -21.71 8.42 15.52
N VAL A 193 -21.54 7.12 15.75
CA VAL A 193 -20.94 6.64 16.98
C VAL A 193 -19.56 7.27 17.19
N PHE A 194 -18.73 7.23 16.14
CA PHE A 194 -17.36 7.77 16.22
C PHE A 194 -17.35 9.27 16.50
N HIS A 195 -18.15 10.02 15.77
CA HIS A 195 -18.15 11.47 15.94
C HIS A 195 -18.64 11.91 17.31
N THR A 196 -19.61 11.17 17.85
CA THR A 196 -20.10 11.44 19.18
C THR A 196 -19.06 11.03 20.23
N PHE A 197 -18.52 9.83 20.07
CA PHE A 197 -17.50 9.32 20.96
C PHE A 197 -16.30 10.26 21.07
N ARG A 198 -15.83 10.76 19.94
CA ARG A 198 -14.65 11.62 19.96
C ARG A 198 -14.82 12.88 20.79
N GLN A 199 -16.04 13.39 20.87
CA GLN A 199 -16.33 14.55 21.72
C GLN A 199 -16.11 14.22 23.19
N LEU A 200 -16.54 13.03 23.61
CA LEU A 200 -16.31 12.54 24.97
C LEU A 200 -14.82 12.31 25.20
N ASP A 201 -14.17 11.65 24.25
CA ASP A 201 -12.75 11.32 24.36
C ASP A 201 -11.88 12.56 24.56
N ARG A 202 -12.19 13.64 23.85
CA ARG A 202 -11.45 14.90 23.98
C ARG A 202 -11.61 15.53 25.36
N LEU A 203 -12.80 15.42 25.94
CA LEU A 203 -13.14 16.03 27.23
C LEU A 203 -12.79 15.18 28.46
N LEU A 204 -12.51 13.89 28.23
CA LEU A 204 -12.29 12.97 29.34
C LEU A 204 -11.19 13.38 30.34
N PRO A 205 -9.98 13.80 29.86
CA PRO A 205 -8.94 14.25 30.80
C PRO A 205 -9.37 15.39 31.73
N LYS A 206 -10.13 16.36 31.20
CA LYS A 206 -10.65 17.46 32.02
C LYS A 206 -11.72 16.96 32.99
N LEU A 207 -12.55 16.02 32.55
CA LEU A 207 -13.53 15.43 33.45
C LEU A 207 -12.83 14.71 34.61
N ALA A 208 -11.79 13.95 34.28
CA ALA A 208 -11.02 13.20 35.28
C ALA A 208 -10.39 14.10 36.35
N ARG A 209 -9.94 15.28 35.93
CA ARG A 209 -9.35 16.25 36.86
C ARG A 209 -10.39 17.12 37.56
N GLY A 210 -11.63 17.05 37.08
CA GLY A 210 -12.73 17.85 37.61
C GLY A 210 -12.60 19.31 37.25
N SER A 211 -12.11 19.57 36.04
CA SER A 211 -11.82 20.93 35.59
C SER A 211 -12.71 21.39 34.42
N LEU A 212 -13.82 20.70 34.21
CA LEU A 212 -14.78 21.12 33.20
C LEU A 212 -15.45 22.44 33.56
N SER A 213 -15.56 23.33 32.58
CA SER A 213 -16.35 24.55 32.73
C SER A 213 -17.83 24.19 32.73
N VAL A 214 -18.67 25.12 33.16
CA VAL A 214 -20.12 24.92 33.09
C VAL A 214 -20.56 24.47 31.68
N GLY A 215 -20.03 25.14 30.66
CA GLY A 215 -20.34 24.81 29.26
C GLY A 215 -19.82 23.44 28.83
N ASP A 216 -18.59 23.13 29.22
CA ASP A 216 -17.99 21.80 28.99
C ASP A 216 -18.83 20.69 29.64
N LYS A 217 -19.29 20.94 30.86
CA LYS A 217 -20.14 19.99 31.60
C LYS A 217 -21.41 19.67 30.82
N ASP A 218 -22.07 20.72 30.33
CA ASP A 218 -23.27 20.54 29.52
C ASP A 218 -22.96 19.78 28.23
N HIS A 219 -21.84 20.10 27.60
CA HIS A 219 -21.39 19.40 26.40
C HIS A 219 -21.17 17.91 26.70
N MET A 220 -20.44 17.62 27.79
CA MET A 220 -20.16 16.23 28.15
C MET A 220 -21.44 15.46 28.48
N CYS A 221 -22.33 16.09 29.22
CA CYS A 221 -23.60 15.46 29.58
C CYS A 221 -24.47 15.17 28.36
N SER A 222 -24.46 16.08 27.39
CA SER A 222 -25.21 15.90 26.16
C SER A 222 -24.65 14.73 25.35
N VAL A 223 -23.33 14.68 25.27
CA VAL A 223 -22.63 13.62 24.54
C VAL A 223 -22.86 12.25 25.19
N LYS A 224 -22.76 12.20 26.52
CA LYS A 224 -23.06 10.97 27.26
C LYS A 224 -24.50 10.52 27.01
N SER A 225 -25.43 11.46 27.10
CA SER A 225 -26.85 11.14 26.88
C SER A 225 -27.08 10.51 25.51
N ARG A 226 -26.45 11.09 24.48
CA ARG A 226 -26.55 10.55 23.13
C ARG A 226 -25.93 9.16 23.03
N LEU A 227 -24.73 8.99 23.60
CA LEU A 227 -24.04 7.69 23.53
C LEU A 227 -24.82 6.59 24.23
N TRP A 228 -25.40 6.93 25.38
CA TRP A 228 -26.21 5.98 26.13
C TRP A 228 -27.44 5.55 25.32
N LYS A 229 -27.98 6.47 24.53
CA LYS A 229 -29.10 6.12 23.64
C LYS A 229 -28.65 5.20 22.51
N LEU A 230 -27.52 5.54 21.90
CA LEU A 230 -26.99 4.80 20.75
C LEU A 230 -26.63 3.36 21.07
N LEU A 231 -26.07 3.14 22.27
CA LEU A 231 -25.63 1.82 22.69
C LEU A 231 -26.58 1.17 23.71
N SER A 232 -27.84 1.59 23.69
CA SER A 232 -28.85 0.97 24.54
C SER A 232 -29.05 -0.49 24.14
N PRO A 233 -29.26 -1.38 25.13
CA PRO A 233 -29.56 -2.79 24.86
C PRO A 233 -30.71 -2.98 23.86
N ALA A 234 -31.73 -2.14 23.92
CA ALA A 234 -32.84 -2.18 22.96
C ALA A 234 -32.38 -1.97 21.52
N ARG A 235 -31.45 -1.03 21.32
CA ARG A 235 -30.88 -0.78 19.99
C ARG A 235 -29.95 -1.91 19.56
N LEU A 236 -29.17 -2.43 20.51
CA LEU A 236 -28.20 -3.50 20.23
C LEU A 236 -28.83 -4.87 19.97
N ALA A 237 -30.05 -5.07 20.49
CA ALA A 237 -30.73 -6.36 20.39
C ALA A 237 -31.01 -6.81 18.96
N ARG A 238 -31.20 -5.85 18.06
CA ARG A 238 -31.54 -6.13 16.66
C ARG A 238 -30.31 -6.38 15.77
N ARG A 239 -29.12 -6.17 16.31
CA ARG A 239 -27.89 -6.27 15.53
C ARG A 239 -27.42 -7.71 15.32
N ALA A 240 -26.81 -7.96 14.16
CA ALA A 240 -26.35 -9.28 13.77
C ALA A 240 -24.87 -9.48 14.05
N HIS A 241 -24.46 -10.75 14.24
CA HIS A 241 -23.06 -11.13 14.44
C HIS A 241 -22.39 -10.38 15.60
N ARG A 242 -23.13 -10.27 16.71
CA ARG A 242 -22.60 -9.69 17.94
C ARG A 242 -21.54 -10.62 18.52
N SER A 243 -20.49 -10.02 19.08
CA SER A 243 -19.39 -10.77 19.69
C SER A 243 -19.85 -11.53 20.93
N LYS A 244 -19.19 -12.66 21.19
CA LYS A 244 -19.40 -13.43 22.41
C LYS A 244 -19.13 -12.55 23.64
N TRP A 245 -18.08 -11.73 23.54
CA TRP A 245 -17.75 -10.74 24.56
C TRP A 245 -18.99 -9.91 24.95
N LEU A 246 -19.67 -9.36 23.96
CA LEU A 246 -20.85 -8.54 24.21
C LEU A 246 -22.03 -9.36 24.75
N GLU A 247 -22.33 -10.48 24.07
CA GLU A 247 -23.45 -11.34 24.48
C GLU A 247 -23.32 -11.78 25.93
N SER A 248 -22.11 -12.20 26.30
CA SER A 248 -21.83 -12.66 27.66
C SER A 248 -21.93 -11.52 28.66
N TYR A 249 -21.45 -10.34 28.28
CA TYR A 249 -21.48 -9.18 29.17
C TYR A 249 -22.93 -8.76 29.45
N LEU A 250 -23.75 -8.73 28.40
CA LEU A 250 -25.17 -8.41 28.52
C LEU A 250 -25.90 -9.43 29.40
N LEU A 251 -25.64 -10.71 29.17
CA LEU A 251 -26.22 -11.77 30.01
C LEU A 251 -25.85 -11.60 31.48
N HIS A 252 -24.58 -11.28 31.73
CA HIS A 252 -24.09 -11.02 33.09
C HIS A 252 -24.82 -9.85 33.74
N LEU A 253 -24.93 -8.72 33.03
CA LEU A 253 -25.62 -7.54 33.53
C LEU A 253 -27.09 -7.82 33.84
N GLU A 254 -27.75 -8.57 32.95
CA GLU A 254 -29.15 -8.99 33.13
C GLU A 254 -29.32 -9.82 34.41
N GLU A 255 -28.40 -10.77 34.61
CA GLU A 255 -28.42 -11.66 35.77
C GLU A 255 -28.24 -10.91 37.09
N MET A 256 -27.50 -9.79 37.03
CA MET A 256 -27.31 -8.93 38.20
C MET A 256 -28.49 -7.97 38.41
N GLY A 257 -29.46 -8.01 37.49
CA GLY A 257 -30.66 -7.18 37.60
C GLY A 257 -30.42 -5.72 37.27
N VAL A 258 -29.36 -5.46 36.49
CA VAL A 258 -29.00 -4.11 36.08
C VAL A 258 -30.02 -3.61 35.05
N SER A 259 -30.52 -2.39 35.24
CA SER A 259 -31.48 -1.79 34.32
C SER A 259 -30.87 -1.64 32.93
N GLU A 260 -31.71 -1.58 31.90
CA GLU A 260 -31.21 -1.44 30.55
C GLU A 260 -30.50 -0.10 30.37
N GLU A 261 -30.97 0.93 31.08
CA GLU A 261 -30.34 2.24 30.99
C GLU A 261 -28.93 2.23 31.62
N MET A 262 -28.76 1.51 32.72
CA MET A 262 -27.44 1.39 33.35
C MET A 262 -26.52 0.47 32.54
N GLN A 263 -27.09 -0.58 31.94
CA GLN A 263 -26.35 -1.40 30.98
C GLN A 263 -25.78 -0.53 29.86
N ALA A 264 -26.58 0.40 29.34
CA ALA A 264 -26.12 1.33 28.29
C ALA A 264 -24.86 2.07 28.74
N ARG A 265 -24.87 2.55 29.98
CA ARG A 265 -23.73 3.28 30.53
C ARG A 265 -22.50 2.39 30.62
N ALA A 266 -22.70 1.15 31.06
CA ALA A 266 -21.63 0.17 31.14
C ALA A 266 -21.06 -0.12 29.77
N LEU A 267 -21.92 -0.17 28.76
CA LEU A 267 -21.51 -0.48 27.39
C LEU A 267 -20.72 0.68 26.77
N VAL A 268 -21.06 1.90 27.15
CA VAL A 268 -20.33 3.08 26.70
C VAL A 268 -18.93 3.13 27.36
N LEU A 269 -18.87 2.76 28.64
CA LEU A 269 -17.57 2.62 29.31
C LEU A 269 -16.69 1.61 28.56
N GLN A 270 -17.28 0.50 28.14
CA GLN A 270 -16.54 -0.52 27.41
C GLN A 270 -16.12 -0.06 26.02
N LEU A 271 -16.97 0.75 25.37
CA LEU A 271 -16.61 1.34 24.08
C LEU A 271 -15.33 2.16 24.22
N TRP A 272 -15.28 3.02 25.23
CA TRP A 272 -14.08 3.83 25.44
C TRP A 272 -12.89 2.95 25.84
N ALA A 273 -13.14 2.01 26.74
CA ALA A 273 -12.09 1.13 27.25
C ALA A 273 -11.41 0.36 26.13
N THR A 274 -12.21 -0.22 25.24
CA THR A 274 -11.71 -1.14 24.21
C THR A 274 -11.31 -0.44 22.92
N GLN A 275 -11.85 0.76 22.67
CA GLN A 275 -11.60 1.46 21.39
C GLN A 275 -10.78 2.75 21.50
N GLY A 276 -10.40 3.13 22.71
CA GLY A 276 -9.71 4.41 22.93
C GLY A 276 -8.23 4.41 22.61
N ASN A 277 -7.68 3.24 22.29
CA ASN A 277 -6.21 3.12 22.06
C ASN A 277 -5.76 2.69 20.67
N MET A 278 -6.52 1.80 20.02
CA MET A 278 -6.08 1.27 18.71
C MET A 278 -5.89 2.35 17.64
N GLY A 279 -6.87 3.23 17.49
CA GLY A 279 -6.81 4.31 16.51
C GLY A 279 -5.57 5.18 16.69
N PRO A 280 -5.42 5.80 17.88
CA PRO A 280 -4.21 6.55 18.19
C PRO A 280 -2.91 5.76 17.94
N ALA A 281 -2.89 4.47 18.31
CA ALA A 281 -1.68 3.65 18.10
C ALA A 281 -1.30 3.60 16.63
N ALA A 282 -2.30 3.34 15.79
CA ALA A 282 -2.12 3.26 14.33
C ALA A 282 -1.72 4.60 13.72
N PHE A 283 -2.27 5.68 14.25
CA PHE A 283 -1.89 7.03 13.84
C PHE A 283 -0.38 7.23 13.96
N TRP A 284 0.17 6.93 15.14
CA TRP A 284 1.59 7.17 15.36
C TRP A 284 2.41 6.25 14.48
N LEU A 285 1.97 5.00 14.34
CA LEU A 285 2.72 4.03 13.55
C LEU A 285 2.80 4.51 12.11
N LEU A 286 1.66 4.85 11.53
CA LEU A 286 1.66 5.38 10.14
C LEU A 286 2.47 6.66 9.99
N LEU A 287 2.37 7.57 10.96
CA LEU A 287 3.15 8.80 10.92
C LEU A 287 4.64 8.51 10.93
N PHE A 288 5.08 7.62 11.81
CA PHE A 288 6.49 7.25 11.88
C PHE A 288 6.96 6.67 10.56
N LEU A 289 6.12 5.84 9.94
CA LEU A 289 6.47 5.26 8.64
C LEU A 289 6.57 6.34 7.56
N LEU A 290 5.60 7.25 7.54
CA LEU A 290 5.62 8.33 6.54
C LEU A 290 6.82 9.27 6.68
N LYS A 291 7.31 9.44 7.91
CA LYS A 291 8.47 10.30 8.17
C LYS A 291 9.81 9.58 8.02
N ASN A 292 9.76 8.27 7.78
CA ASN A 292 10.96 7.45 7.68
C ASN A 292 10.92 6.52 6.47
N PRO A 293 11.27 7.04 5.27
CA PRO A 293 11.22 6.30 4.01
C PRO A 293 11.82 4.89 4.02
N GLU A 294 12.94 4.69 4.70
CA GLU A 294 13.56 3.36 4.80
C GLU A 294 12.64 2.38 5.54
N ALA A 295 12.04 2.84 6.63
CA ALA A 295 11.09 2.03 7.41
C ALA A 295 9.86 1.67 6.59
N LEU A 296 9.29 2.68 5.94
CA LEU A 296 8.11 2.48 5.10
C LEU A 296 8.39 1.49 3.96
N ALA A 297 9.56 1.62 3.33
CA ALA A 297 9.99 0.68 2.27
C ALA A 297 10.12 -0.75 2.80
N ALA A 298 10.65 -0.89 4.01
CA ALA A 298 10.82 -2.20 4.63
C ALA A 298 9.46 -2.85 4.91
N VAL A 299 8.53 -2.07 5.44
CA VAL A 299 7.19 -2.59 5.74
C VAL A 299 6.43 -2.94 4.45
N ARG A 300 6.44 -2.03 3.48
CA ARG A 300 5.79 -2.27 2.19
C ARG A 300 6.41 -3.49 1.50
N GLY A 301 7.73 -3.60 1.55
CA GLY A 301 8.46 -4.72 0.93
C GLY A 301 8.05 -6.05 1.52
N GLU A 302 7.97 -6.10 2.84
CA GLU A 302 7.52 -7.28 3.55
C GLU A 302 6.07 -7.66 3.16
N LEU A 303 5.18 -6.68 3.18
CA LEU A 303 3.77 -6.93 2.90
C LEU A 303 3.53 -7.34 1.44
N GLU A 304 4.27 -6.74 0.53
CA GLU A 304 4.12 -7.05 -0.90
C GLU A 304 4.64 -8.46 -1.20
N SER A 305 5.73 -8.84 -0.56
CA SER A 305 6.29 -10.20 -0.71
C SER A 305 5.25 -11.26 -0.30
N ILE A 306 4.53 -10.99 0.78
CA ILE A 306 3.43 -11.85 1.24
C ILE A 306 2.28 -11.85 0.24
N LEU A 307 1.92 -10.68 -0.27
CA LEU A 307 0.83 -10.53 -1.23
C LEU A 307 1.09 -11.38 -2.49
N TRP A 308 2.31 -11.29 -3.03
CA TRP A 308 2.72 -12.07 -4.20
C TRP A 308 2.93 -13.55 -3.86
N GLN A 309 3.00 -13.84 -2.56
CA GLN A 309 3.09 -15.21 -2.04
C GLN A 309 4.41 -15.90 -2.39
N LEU A 320 -7.78 -11.47 3.72
CA LEU A 320 -6.49 -11.23 4.37
C LEU A 320 -5.60 -12.48 4.29
N PRO A 321 -4.49 -12.40 3.53
CA PRO A 321 -3.52 -13.51 3.52
C PRO A 321 -2.93 -13.72 4.92
N GLN A 322 -3.12 -14.93 5.45
CA GLN A 322 -2.79 -15.23 6.85
C GLN A 322 -1.38 -14.89 7.29
N LYS A 323 -0.45 -14.84 6.33
CA LYS A 323 0.95 -14.52 6.61
C LYS A 323 1.13 -13.07 7.10
N VAL A 324 0.17 -12.20 6.78
CA VAL A 324 0.20 -10.81 7.28
C VAL A 324 0.12 -10.77 8.80
N LEU A 325 -0.59 -11.73 9.39
CA LEU A 325 -0.71 -11.78 10.84
C LEU A 325 0.41 -12.55 11.51
N ASP A 326 0.80 -13.69 10.94
CA ASP A 326 1.77 -14.57 11.60
C ASP A 326 3.19 -14.49 11.04
N SER A 327 3.39 -13.76 9.94
CA SER A 327 4.69 -13.74 9.26
C SER A 327 5.11 -12.33 8.81
N THR A 328 5.00 -11.37 9.72
CA THR A 328 5.44 -10.00 9.47
C THR A 328 6.45 -9.52 10.53
N PRO A 329 7.67 -10.09 10.54
CA PRO A 329 8.65 -9.71 11.56
C PRO A 329 9.02 -8.22 11.54
N VAL A 330 9.07 -7.60 10.36
CA VAL A 330 9.40 -6.17 10.30
C VAL A 330 8.26 -5.34 10.88
N LEU A 331 7.03 -5.67 10.49
CA LEU A 331 5.87 -4.95 11.03
C LEU A 331 5.76 -5.12 12.55
N ASP A 332 6.10 -6.31 13.05
CA ASP A 332 6.09 -6.55 14.50
C ASP A 332 7.04 -5.59 15.22
N SER A 333 8.24 -5.41 14.68
CA SER A 333 9.23 -4.50 15.26
C SER A 333 8.71 -3.06 15.20
N VAL A 334 8.12 -2.71 14.07
CA VAL A 334 7.58 -1.37 13.88
C VAL A 334 6.47 -1.04 14.88
N LEU A 335 5.59 -2.01 15.12
CA LEU A 335 4.49 -1.79 16.07
C LEU A 335 5.04 -1.66 17.49
N SER A 336 5.96 -2.54 17.85
CA SER A 336 6.61 -2.48 19.15
C SER A 336 7.30 -1.13 19.36
N GLU A 337 8.00 -0.66 18.32
CA GLU A 337 8.74 0.58 18.38
C GLU A 337 7.79 1.79 18.47
N SER A 338 6.70 1.76 17.72
CA SER A 338 5.72 2.83 17.81
C SER A 338 5.08 2.90 19.20
N LEU A 339 4.72 1.75 19.75
CA LEU A 339 4.17 1.70 21.11
C LEU A 339 5.18 2.15 22.17
N ARG A 340 6.45 1.80 21.96
CA ARG A 340 7.49 2.18 22.93
C ARG A 340 7.51 3.70 23.11
N LEU A 341 7.32 4.40 21.99
CA LEU A 341 7.40 5.85 21.97
C LEU A 341 6.13 6.54 22.42
N THR A 342 4.99 5.86 22.34
CA THR A 342 3.71 6.57 22.44
C THR A 342 2.67 6.03 23.41
N ALA A 343 2.91 4.84 23.96
CA ALA A 343 2.01 4.28 24.98
C ALA A 343 2.49 4.71 26.35
N ALA A 344 1.63 5.44 27.08
CA ALA A 344 2.02 6.00 28.38
C ALA A 344 1.01 5.77 29.53
N PRO A 345 0.55 4.52 29.72
CA PRO A 345 -0.31 4.29 30.87
C PRO A 345 0.45 4.39 32.19
N PHE A 346 -0.22 4.88 33.22
CA PHE A 346 0.29 4.72 34.58
C PHE A 346 -0.03 3.32 35.08
N ILE A 347 0.86 2.76 35.89
CA ILE A 347 0.55 1.57 36.66
C ILE A 347 0.50 2.06 38.10
N THR A 348 -0.69 2.01 38.71
CA THR A 348 -0.83 2.52 40.07
C THR A 348 -1.41 1.49 41.03
N ARG A 349 -1.07 1.66 42.31
CA ARG A 349 -1.62 0.85 43.40
C ARG A 349 -1.91 1.77 44.57
N GLU A 350 -2.91 1.42 45.36
CA GLU A 350 -3.11 2.07 46.65
C GLU A 350 -2.47 1.21 47.72
N VAL A 351 -1.67 1.84 48.59
CA VAL A 351 -1.01 1.11 49.67
C VAL A 351 -2.04 0.85 50.77
N VAL A 352 -2.33 -0.43 50.98
CA VAL A 352 -3.40 -0.87 51.87
C VAL A 352 -2.96 -0.85 53.34
N VAL A 353 -1.73 -1.28 53.57
CA VAL A 353 -1.14 -1.29 54.91
C VAL A 353 0.29 -0.78 54.84
N ASP A 354 0.80 -0.23 55.94
CA ASP A 354 2.23 0.06 56.06
C ASP A 354 2.99 -1.19 55.65
N LEU A 355 3.93 -1.05 54.72
CA LEU A 355 4.68 -2.19 54.21
C LEU A 355 6.07 -1.84 53.71
N ALA A 356 6.89 -2.88 53.55
CA ALA A 356 8.23 -2.76 52.98
C ALA A 356 8.22 -3.33 51.58
N MET A 357 8.68 -2.52 50.62
CA MET A 357 8.73 -2.89 49.22
C MET A 357 10.18 -3.16 48.82
N PRO A 358 10.47 -4.38 48.32
CA PRO A 358 11.85 -4.68 47.93
C PRO A 358 12.25 -4.11 46.56
N MET A 359 13.50 -3.67 46.47
CA MET A 359 14.09 -3.24 45.20
C MET A 359 14.96 -4.36 44.66
N ALA A 360 15.15 -4.39 43.35
CA ALA A 360 15.93 -5.45 42.70
C ALA A 360 17.40 -5.48 43.13
N ASP A 361 17.92 -4.35 43.59
CA ASP A 361 19.33 -4.23 43.99
C ASP A 361 19.59 -4.65 45.45
N GLY A 362 18.53 -5.05 46.16
CA GLY A 362 18.66 -5.47 47.56
C GLY A 362 18.16 -4.45 48.57
N ARG A 363 17.90 -3.23 48.11
CA ARG A 363 17.32 -2.18 48.95
C ARG A 363 15.86 -2.50 49.31
N GLU A 364 15.39 -1.89 50.39
CA GLU A 364 14.01 -2.05 50.84
C GLU A 364 13.49 -0.69 51.29
N PHE A 365 12.29 -0.31 50.82
CA PHE A 365 11.70 0.98 51.18
C PHE A 365 10.32 0.84 51.82
N ASN A 366 10.10 1.61 52.88
CA ASN A 366 8.82 1.61 53.58
C ASN A 366 7.81 2.56 52.93
N LEU A 367 6.60 2.03 52.69
CA LEU A 367 5.49 2.80 52.16
C LEU A 367 4.37 2.86 53.19
N ARG A 368 3.61 3.96 53.23
CA ARG A 368 2.57 4.16 54.23
C ARG A 368 1.17 3.83 53.72
N ARG A 369 0.35 3.26 54.60
CA ARG A 369 -1.07 3.06 54.32
C ARG A 369 -1.69 4.36 53.80
N GLY A 370 -2.37 4.28 52.66
CA GLY A 370 -3.03 5.44 52.08
C GLY A 370 -2.20 6.21 51.05
N ASP A 371 -0.93 5.84 50.91
CA ASP A 371 -0.11 6.41 49.84
C ASP A 371 -0.52 5.76 48.52
N ARG A 372 -0.24 6.44 47.41
CA ARG A 372 -0.38 5.84 46.10
C ARG A 372 1.01 5.46 45.61
N LEU A 373 1.12 4.30 44.98
CA LEU A 373 2.35 3.89 44.32
C LEU A 373 2.18 3.99 42.82
N LEU A 374 3.13 4.66 42.15
CA LEU A 374 3.05 4.91 40.71
C LEU A 374 4.29 4.37 40.01
N LEU A 375 4.08 3.51 39.01
CA LEU A 375 5.16 3.07 38.12
C LEU A 375 4.85 3.65 36.75
N PHE A 376 5.88 4.08 36.01
CA PHE A 376 5.65 4.75 34.73
C PHE A 376 6.58 4.17 33.65
N PRO A 377 6.16 3.04 33.04
CA PRO A 377 7.00 2.39 32.01
C PRO A 377 7.44 3.31 30.86
N PHE A 378 6.62 4.31 30.53
CA PHE A 378 6.96 5.28 29.47
C PHE A 378 8.35 5.89 29.69
N LEU A 379 8.62 6.26 30.95
CA LEU A 379 9.89 6.89 31.30
C LEU A 379 11.00 5.84 31.37
N SER A 380 10.76 4.76 32.11
CA SER A 380 11.65 3.60 32.11
C SER A 380 10.80 2.36 32.29
N PRO A 381 11.02 1.33 31.45
CA PRO A 381 12.12 1.16 30.50
C PRO A 381 12.01 1.86 29.15
N GLN A 382 10.81 2.28 28.76
CA GLN A 382 10.59 2.64 27.35
C GLN A 382 11.46 3.76 26.77
N ARG A 383 11.65 4.83 27.54
CA ARG A 383 12.49 5.95 27.07
C ARG A 383 13.79 6.12 27.88
N ASP A 384 14.26 5.00 28.44
CA ASP A 384 15.44 4.99 29.27
C ASP A 384 16.69 4.90 28.38
N PRO A 385 17.54 5.94 28.39
CA PRO A 385 18.68 5.98 27.45
C PRO A 385 19.80 5.01 27.79
N GLU A 386 19.72 4.38 28.96
CA GLU A 386 20.64 3.30 29.34
C GLU A 386 20.22 1.95 28.79
N ILE A 387 18.96 1.85 28.35
CA ILE A 387 18.41 0.59 27.86
C ILE A 387 18.34 0.62 26.33
N TYR A 388 17.87 1.75 25.80
CA TYR A 388 17.72 1.97 24.38
C TYR A 388 18.63 3.09 23.91
N THR A 389 19.35 2.85 22.83
CA THR A 389 20.22 3.88 22.26
C THR A 389 19.39 4.91 21.49
N ASP A 390 19.49 6.17 21.92
CA ASP A 390 18.69 7.27 21.37
C ASP A 390 17.20 6.94 21.50
N PRO A 391 16.70 6.89 22.74
CA PRO A 391 15.31 6.45 22.97
C PRO A 391 14.25 7.36 22.37
N GLU A 392 14.63 8.59 22.02
CA GLU A 392 13.68 9.56 21.49
C GLU A 392 13.39 9.34 20.01
N VAL A 393 14.21 8.50 19.38
CA VAL A 393 14.17 8.27 17.93
C VAL A 393 13.35 7.04 17.57
N PHE A 394 12.55 7.14 16.51
CA PHE A 394 11.90 5.97 15.90
C PHE A 394 12.92 5.23 15.04
N LYS A 395 13.32 4.05 15.52
CA LYS A 395 14.19 3.15 14.76
C LYS A 395 13.38 1.90 14.45
N TYR A 396 12.95 1.76 13.20
CA TYR A 396 11.97 0.73 12.85
C TYR A 396 12.41 -0.69 13.19
N ASN A 397 13.73 -0.89 13.18
CA ASN A 397 14.33 -2.21 13.39
C ASN A 397 14.92 -2.37 14.79
N ARG A 398 14.47 -1.53 15.73
CA ARG A 398 14.99 -1.60 17.10
C ARG A 398 14.79 -2.97 17.75
N PHE A 399 13.73 -3.66 17.36
CA PHE A 399 13.41 -4.97 17.93
C PHE A 399 13.74 -6.11 16.98
N LEU A 400 14.71 -5.84 16.11
CA LEU A 400 15.27 -6.86 15.22
C LEU A 400 16.76 -7.07 15.47
N ASN A 401 17.16 -8.34 15.48
CA ASN A 401 18.57 -8.71 15.47
C ASN A 401 19.11 -8.53 14.04
N PRO A 402 20.45 -8.43 13.89
CA PRO A 402 21.04 -8.29 12.55
C PRO A 402 20.58 -9.36 11.56
N ASP A 403 20.38 -10.59 12.03
CA ASP A 403 19.93 -11.68 11.17
C ASP A 403 18.43 -11.65 10.85
N GLY A 404 17.73 -10.65 11.41
CA GLY A 404 16.30 -10.47 11.16
C GLY A 404 15.39 -11.11 12.19
N SER A 405 15.95 -11.85 13.13
CA SER A 405 15.17 -12.48 14.20
C SER A 405 14.73 -11.44 15.24
N GLU A 406 13.77 -11.80 16.09
CA GLU A 406 13.26 -10.87 17.09
C GLU A 406 14.29 -10.59 18.17
N LYS A 407 14.54 -9.31 18.44
CA LYS A 407 15.44 -8.92 19.53
C LYS A 407 14.69 -8.81 20.85
N LYS A 408 15.08 -9.65 21.80
CA LYS A 408 14.39 -9.77 23.08
C LYS A 408 15.30 -9.48 24.27
N ASP A 409 16.55 -9.17 23.98
CA ASP A 409 17.59 -9.02 25.01
C ASP A 409 18.03 -7.58 25.22
N PHE A 410 17.51 -6.98 26.29
CA PHE A 410 17.82 -5.61 26.68
C PHE A 410 18.32 -5.58 28.13
N TYR A 411 19.19 -4.62 28.44
CA TYR A 411 19.93 -4.61 29.71
C TYR A 411 19.90 -3.27 30.42
N LYS A 412 19.95 -3.33 31.75
CA LYS A 412 20.18 -2.15 32.57
C LYS A 412 20.90 -2.56 33.84
N ASP A 413 21.86 -1.74 34.24
CA ASP A 413 22.62 -1.95 35.49
C ASP A 413 23.21 -3.36 35.57
N GLY A 414 23.69 -3.85 34.41
CA GLY A 414 24.39 -5.13 34.34
C GLY A 414 23.52 -6.37 34.35
N LYS A 415 22.20 -6.18 34.20
CA LYS A 415 21.25 -7.28 34.29
C LYS A 415 20.24 -7.25 33.15
N ARG A 416 19.92 -8.43 32.64
CA ARG A 416 18.91 -8.56 31.58
C ARG A 416 17.54 -8.17 32.12
N LEU A 417 16.82 -7.39 31.33
CA LEU A 417 15.49 -6.92 31.73
C LEU A 417 14.39 -7.92 31.39
N LYS A 418 13.59 -8.26 32.40
CA LYS A 418 12.38 -9.04 32.15
C LYS A 418 11.34 -8.17 31.44
N ASN A 419 11.23 -6.92 31.90
CA ASN A 419 10.28 -5.96 31.36
C ASN A 419 11.02 -4.82 30.66
N TYR A 420 10.89 -4.73 29.33
CA TYR A 420 11.58 -3.68 28.57
C TYR A 420 10.68 -2.78 27.70
N ASN A 421 9.46 -3.21 27.44
CA ASN A 421 8.50 -2.41 26.69
C ASN A 421 7.12 -2.84 27.16
N MET A 422 6.37 -1.91 27.78
CA MET A 422 5.18 -2.29 28.54
C MET A 422 3.87 -1.58 28.16
N PRO A 423 3.56 -1.49 26.85
CA PRO A 423 2.33 -0.79 26.46
C PRO A 423 1.05 -1.51 26.90
N TRP A 424 1.16 -2.80 27.19
CA TRP A 424 -0.02 -3.62 27.50
C TRP A 424 -0.23 -3.79 29.00
N GLY A 425 0.56 -3.08 29.80
CA GLY A 425 0.51 -3.23 31.25
C GLY A 425 1.33 -4.42 31.73
N ALA A 426 1.07 -4.84 32.97
CA ALA A 426 1.84 -5.90 33.60
C ALA A 426 1.09 -6.46 34.79
N GLY A 427 1.44 -7.67 35.19
CA GLY A 427 0.89 -8.28 36.39
C GLY A 427 -0.63 -8.35 36.36
N HIS A 428 -1.25 -7.92 37.45
CA HIS A 428 -2.70 -8.03 37.62
C HIS A 428 -3.47 -7.24 36.58
N ASN A 429 -2.91 -6.11 36.14
CA ASN A 429 -3.57 -5.22 35.20
C ASN A 429 -2.86 -5.21 33.86
N HIS A 430 -3.21 -6.19 33.03
N HIS A 430 -3.23 -6.17 33.02
CA HIS A 430 -2.64 -6.31 31.70
CA HIS A 430 -2.61 -6.38 31.70
C HIS A 430 -3.75 -6.46 30.67
C HIS A 430 -3.70 -6.59 30.65
N CYS A 431 -3.45 -6.13 29.43
CA CYS A 431 -4.42 -6.20 28.35
C CYS A 431 -4.90 -7.62 28.04
N LEU A 432 -6.21 -7.82 28.10
CA LEU A 432 -6.81 -9.10 27.77
C LEU A 432 -7.09 -9.26 26.27
N GLY A 433 -7.03 -8.16 25.52
CA GLY A 433 -7.33 -8.20 24.09
C GLY A 433 -6.12 -8.00 23.19
N ARG A 434 -4.93 -8.18 23.75
CA ARG A 434 -3.66 -7.90 23.04
C ARG A 434 -3.56 -8.48 21.63
N SER A 435 -3.80 -9.79 21.49
CA SER A 435 -3.71 -10.44 20.19
C SER A 435 -4.67 -9.83 19.18
N TYR A 436 -5.89 -9.53 19.63
CA TYR A 436 -6.88 -8.90 18.77
C TYR A 436 -6.47 -7.45 18.40
N ALA A 437 -5.94 -6.72 19.38
CA ALA A 437 -5.47 -5.35 19.17
C ALA A 437 -4.33 -5.31 18.14
N VAL A 438 -3.34 -6.18 18.34
CA VAL A 438 -2.23 -6.31 17.40
C VAL A 438 -2.72 -6.69 16.01
N ASN A 439 -3.59 -7.70 15.92
CA ASN A 439 -4.09 -8.15 14.63
C ASN A 439 -4.85 -7.04 13.91
N SER A 440 -5.65 -6.28 14.65
CA SER A 440 -6.44 -5.20 14.08
C SER A 440 -5.58 -4.08 13.49
N ILE A 441 -4.56 -3.70 14.24
CA ILE A 441 -3.64 -2.66 13.77
C ILE A 441 -2.91 -3.14 12.51
N LYS A 442 -2.46 -4.39 12.52
CA LYS A 442 -1.76 -4.96 11.36
C LYS A 442 -2.65 -5.00 10.12
N GLN A 443 -3.90 -5.40 10.31
CA GLN A 443 -4.89 -5.46 9.21
C GLN A 443 -5.08 -4.08 8.61
N PHE A 444 -5.25 -3.08 9.48
CA PHE A 444 -5.43 -1.70 9.02
C PHE A 444 -4.22 -1.23 8.24
N VAL A 445 -3.02 -1.44 8.78
CA VAL A 445 -1.80 -1.04 8.10
C VAL A 445 -1.69 -1.72 6.74
N PHE A 446 -1.96 -3.02 6.70
CA PHE A 446 -1.97 -3.75 5.44
C PHE A 446 -2.90 -3.11 4.40
N LEU A 447 -4.15 -2.87 4.79
CA LEU A 447 -5.11 -2.24 3.88
C LEU A 447 -4.61 -0.88 3.38
N VAL A 448 -4.13 -0.06 4.30
CA VAL A 448 -3.66 1.28 3.96
C VAL A 448 -2.41 1.29 3.07
N LEU A 449 -1.48 0.38 3.33
CA LEU A 449 -0.21 0.42 2.60
C LEU A 449 -0.24 -0.36 1.29
N VAL A 450 -1.20 -1.28 1.15
CA VAL A 450 -1.26 -2.14 -0.04
C VAL A 450 -2.42 -1.79 -0.99
N HIS A 451 -3.56 -1.38 -0.42
CA HIS A 451 -4.77 -1.04 -1.20
C HIS A 451 -4.89 0.45 -1.52
N LEU A 452 -4.14 1.29 -0.81
CA LEU A 452 -4.21 2.73 -0.98
C LEU A 452 -2.87 3.36 -1.33
N ASP A 453 -2.94 4.59 -1.82
CA ASP A 453 -1.81 5.50 -1.80
C ASP A 453 -2.08 6.46 -0.64
N LEU A 454 -1.06 6.72 0.17
CA LEU A 454 -1.19 7.60 1.34
C LEU A 454 0.04 8.48 1.45
N GLU A 455 -0.18 9.77 1.59
CA GLU A 455 0.89 10.77 1.58
C GLU A 455 0.66 11.88 2.58
N LEU A 456 1.75 12.35 3.18
CA LEU A 456 1.73 13.61 3.90
C LEU A 456 1.52 14.72 2.89
N ILE A 457 0.71 15.72 3.26
CA ILE A 457 0.56 16.91 2.41
C ILE A 457 1.90 17.63 2.30
N ASN A 458 2.56 17.75 3.45
CA ASN A 458 3.89 18.36 3.55
C ASN A 458 4.86 17.29 4.05
N ALA A 459 5.70 16.78 3.16
CA ALA A 459 6.66 15.73 3.52
C ALA A 459 7.58 16.16 4.66
N ASP A 460 7.79 17.46 4.79
CA ASP A 460 8.69 18.01 5.82
C ASP A 460 7.97 18.43 7.11
N VAL A 461 6.69 18.10 7.23
CA VAL A 461 5.92 18.39 8.44
C VAL A 461 6.59 17.74 9.65
N GLU A 462 6.66 18.46 10.76
CA GLU A 462 7.25 17.88 11.95
C GLU A 462 6.21 17.10 12.72
N ILE A 463 6.66 16.04 13.39
CA ILE A 463 5.80 15.24 14.25
C ILE A 463 5.24 16.13 15.36
N PRO A 464 3.91 16.16 15.53
CA PRO A 464 3.33 17.04 16.54
C PRO A 464 3.68 16.60 17.95
N GLU A 465 3.74 17.57 18.86
CA GLU A 465 3.84 17.26 20.27
C GLU A 465 2.60 16.51 20.74
N PHE A 466 2.74 15.76 21.84
CA PHE A 466 1.59 15.13 22.49
C PHE A 466 0.68 16.19 23.11
N ASP A 467 -0.58 15.84 23.30
CA ASP A 467 -1.40 16.50 24.29
C ASP A 467 -0.88 16.03 25.65
N LEU A 468 -0.04 16.86 26.26
CA LEU A 468 0.75 16.45 27.42
C LEU A 468 -0.09 16.19 28.68
N SER A 469 -1.35 16.63 28.65
CA SER A 469 -2.25 16.43 29.78
C SER A 469 -2.81 15.01 29.82
N ARG A 470 -2.64 14.24 28.74
CA ARG A 470 -3.19 12.88 28.62
C ARG A 470 -2.25 11.77 29.10
N TYR A 471 -1.09 12.11 29.62
CA TYR A 471 -0.21 11.08 30.18
C TYR A 471 -0.97 10.29 31.23
N GLY A 472 -0.83 8.97 31.18
CA GLY A 472 -1.39 8.10 32.21
C GLY A 472 -2.55 7.24 31.80
N PHE A 473 -3.24 7.62 30.72
CA PHE A 473 -4.41 6.89 30.26
C PHE A 473 -4.10 5.69 29.36
N GLY A 474 -3.13 5.85 28.48
CA GLY A 474 -2.83 4.80 27.51
C GLY A 474 -2.07 5.44 26.38
N LEU A 475 -2.54 5.22 25.15
CA LEU A 475 -1.87 5.82 24.01
C LEU A 475 -1.99 7.35 24.05
N MET A 476 -0.87 8.01 23.82
CA MET A 476 -0.89 9.47 23.68
C MET A 476 -1.64 9.88 22.42
N GLN A 477 -2.18 11.10 22.44
CA GLN A 477 -2.79 11.70 21.25
C GLN A 477 -2.05 13.01 20.92
N PRO A 478 -2.02 13.38 19.63
CA PRO A 478 -1.27 14.57 19.21
C PRO A 478 -1.99 15.86 19.59
N GLU A 479 -1.24 16.94 19.81
CA GLU A 479 -1.83 18.24 20.14
C GLU A 479 -2.65 18.80 18.97
N HIS A 480 -2.21 18.46 17.76
CA HIS A 480 -3.00 18.75 16.56
C HIS A 480 -2.76 17.66 15.53
N ASP A 481 -3.65 17.58 14.55
CA ASP A 481 -3.57 16.50 13.56
C ASP A 481 -2.54 16.81 12.48
N VAL A 482 -2.24 15.79 11.68
CA VAL A 482 -1.29 15.89 10.57
C VAL A 482 -2.04 15.69 9.27
N PRO A 483 -2.07 16.72 8.40
CA PRO A 483 -2.73 16.62 7.10
C PRO A 483 -2.09 15.57 6.19
N VAL A 484 -2.94 14.67 5.69
CA VAL A 484 -2.52 13.69 4.69
C VAL A 484 -3.53 13.69 3.55
N ARG A 485 -3.18 12.97 2.49
CA ARG A 485 -4.15 12.64 1.45
C ARG A 485 -4.04 11.17 1.12
N TYR A 486 -5.18 10.57 0.80
CA TYR A 486 -5.21 9.18 0.35
C TYR A 486 -6.08 9.02 -0.88
N ARG A 487 -5.83 7.94 -1.61
CA ARG A 487 -6.71 7.51 -2.69
C ARG A 487 -6.68 5.99 -2.77
N ILE A 488 -7.73 5.40 -3.34
CA ILE A 488 -7.65 4.00 -3.74
C ILE A 488 -6.57 3.90 -4.80
N ARG A 489 -5.72 2.87 -4.69
CA ARG A 489 -4.69 2.63 -5.68
C ARG A 489 -5.33 2.52 -7.07
N PRO A 490 -4.96 3.40 -8.01
CA PRO A 490 -5.57 3.48 -9.34
C PRO A 490 -5.70 2.13 -10.05
N HIS A 491 -4.67 1.30 -9.98
CA HIS A 491 -4.75 -0.08 -10.51
C HIS A 491 -3.81 -1.01 -9.73
N ARG B 13 -1.49 -36.81 -32.17
CA ARG B 13 -2.32 -36.54 -30.96
C ARG B 13 -3.80 -36.76 -31.23
N THR B 14 -4.48 -37.35 -30.25
CA THR B 14 -5.92 -37.61 -30.35
C THR B 14 -6.62 -36.99 -29.14
N ARG B 15 -7.69 -36.24 -29.41
CA ARG B 15 -8.45 -35.57 -28.36
C ARG B 15 -9.07 -36.58 -27.38
N ARG B 16 -8.83 -36.34 -26.10
CA ARG B 16 -9.41 -37.14 -25.02
C ARG B 16 -10.73 -36.49 -24.57
N PRO B 17 -11.62 -37.28 -23.91
CA PRO B 17 -12.85 -36.68 -23.40
C PRO B 17 -12.56 -35.50 -22.48
N GLY B 18 -13.32 -34.42 -22.66
CA GLY B 18 -13.18 -33.22 -21.82
C GLY B 18 -12.19 -32.19 -22.35
N GLU B 19 -11.44 -32.55 -23.39
CA GLU B 19 -10.46 -31.64 -23.98
C GLU B 19 -11.12 -30.72 -25.01
N PRO B 20 -10.55 -29.51 -25.22
CA PRO B 20 -11.06 -28.62 -26.26
C PRO B 20 -10.95 -29.25 -27.65
N PRO B 21 -11.70 -28.72 -28.62
CA PRO B 21 -11.53 -29.15 -30.02
C PRO B 21 -10.06 -29.11 -30.43
N LEU B 22 -9.61 -30.14 -31.14
CA LEU B 22 -8.21 -30.29 -31.53
C LEU B 22 -8.04 -30.19 -33.04
N ASP B 23 -7.14 -29.30 -33.49
CA ASP B 23 -6.94 -29.03 -34.91
C ASP B 23 -5.46 -29.11 -35.24
N LEU B 24 -5.06 -30.18 -35.93
CA LEU B 24 -3.65 -30.44 -36.18
C LEU B 24 -3.16 -29.86 -37.52
N GLY B 25 -4.10 -29.46 -38.36
CA GLY B 25 -3.78 -28.95 -39.70
C GLY B 25 -3.34 -30.06 -40.63
N SER B 26 -2.68 -29.67 -41.73
CA SER B 26 -2.33 -30.59 -42.81
C SER B 26 -0.88 -31.07 -42.79
N ILE B 27 0.00 -30.24 -42.22
CA ILE B 27 1.44 -30.50 -42.28
C ILE B 27 1.93 -31.11 -40.96
N PRO B 28 2.52 -32.32 -41.03
CA PRO B 28 3.02 -33.02 -39.84
C PRO B 28 4.07 -32.21 -39.08
N TRP B 29 3.98 -32.27 -37.75
CA TRP B 29 4.86 -31.53 -36.82
C TRP B 29 4.64 -30.01 -36.83
N LEU B 30 4.82 -29.38 -37.99
CA LEU B 30 4.69 -27.93 -38.11
C LEU B 30 3.28 -27.43 -37.82
N GLY B 31 2.28 -28.19 -38.25
CA GLY B 31 0.89 -27.82 -38.08
C GLY B 31 0.60 -26.46 -38.69
N TYR B 32 0.21 -25.50 -37.86
CA TYR B 32 -0.12 -24.16 -38.31
C TYR B 32 0.98 -23.13 -38.06
N ALA B 33 2.22 -23.58 -37.93
CA ALA B 33 3.35 -22.69 -37.65
C ALA B 33 3.46 -21.51 -38.63
N LEU B 34 3.29 -21.79 -39.93
CA LEU B 34 3.41 -20.73 -40.94
C LEU B 34 2.23 -19.75 -40.90
N ASP B 35 1.02 -20.29 -40.81
CA ASP B 35 -0.22 -19.49 -40.75
C ASP B 35 -0.22 -18.58 -39.52
N PHE B 36 0.12 -19.15 -38.37
CA PHE B 36 0.16 -18.42 -37.10
C PHE B 36 1.24 -17.34 -37.09
N GLY B 37 2.43 -17.68 -37.60
CA GLY B 37 3.54 -16.73 -37.66
C GLY B 37 3.30 -15.57 -38.62
N LYS B 38 2.67 -15.87 -39.76
CA LYS B 38 2.44 -14.87 -40.81
C LYS B 38 1.51 -13.74 -40.35
N ASP B 39 0.42 -14.11 -39.68
CA ASP B 39 -0.61 -13.16 -39.26
C ASP B 39 -1.44 -13.80 -38.16
N ALA B 40 -0.96 -13.63 -36.92
CA ALA B 40 -1.58 -14.28 -35.76
C ALA B 40 -3.04 -13.89 -35.56
N ALA B 41 -3.35 -12.61 -35.76
CA ALA B 41 -4.70 -12.10 -35.54
C ALA B 41 -5.68 -12.67 -36.55
N SER B 42 -5.33 -12.66 -37.84
CA SER B 42 -6.20 -13.21 -38.88
C SER B 42 -6.39 -14.71 -38.69
N PHE B 43 -5.29 -15.40 -38.40
CA PHE B 43 -5.32 -16.84 -38.19
C PHE B 43 -6.20 -17.24 -37.00
N LEU B 44 -6.01 -16.57 -35.87
CA LEU B 44 -6.80 -16.90 -34.68
C LEU B 44 -8.27 -16.52 -34.84
N THR B 45 -8.53 -15.46 -35.61
CA THR B 45 -9.89 -15.07 -35.97
C THR B 45 -10.59 -16.19 -36.76
N ARG B 46 -9.89 -16.74 -37.75
CA ARG B 46 -10.40 -17.86 -38.55
C ARG B 46 -10.69 -19.07 -37.66
N MET B 47 -9.76 -19.35 -36.75
CA MET B 47 -9.90 -20.48 -35.83
C MET B 47 -11.08 -20.31 -34.87
N LYS B 48 -11.28 -19.08 -34.37
CA LYS B 48 -12.44 -18.77 -33.52
C LYS B 48 -13.75 -19.01 -34.29
N GLU B 49 -13.81 -18.55 -35.54
CA GLU B 49 -14.96 -18.78 -36.41
C GLU B 49 -15.24 -20.28 -36.58
N LYS B 50 -14.18 -21.07 -36.67
CA LYS B 50 -14.27 -22.51 -36.93
C LYS B 50 -14.60 -23.32 -35.67
N HIS B 51 -14.03 -22.94 -34.54
CA HIS B 51 -14.06 -23.78 -33.33
C HIS B 51 -14.77 -23.17 -32.12
N GLY B 52 -14.92 -21.86 -32.08
CA GLY B 52 -15.42 -21.15 -30.90
C GLY B 52 -14.32 -20.55 -30.04
N ASP B 53 -14.64 -20.28 -28.77
CA ASP B 53 -13.75 -19.52 -27.87
C ASP B 53 -12.56 -20.31 -27.31
N ILE B 54 -12.55 -21.63 -27.48
CA ILE B 54 -11.42 -22.42 -27.00
C ILE B 54 -11.11 -23.56 -27.95
N PHE B 55 -9.84 -23.71 -28.28
CA PHE B 55 -9.42 -24.76 -29.20
C PHE B 55 -7.94 -25.02 -29.05
N THR B 56 -7.50 -26.21 -29.46
CA THR B 56 -6.09 -26.58 -29.40
C THR B 56 -5.56 -26.76 -30.81
N ILE B 57 -4.43 -26.12 -31.11
CA ILE B 57 -3.79 -26.21 -32.42
C ILE B 57 -2.36 -26.71 -32.29
N LEU B 58 -1.90 -27.44 -33.31
CA LEU B 58 -0.50 -27.84 -33.39
C LEU B 58 0.28 -26.70 -34.04
N VAL B 59 1.35 -26.27 -33.37
CA VAL B 59 2.22 -25.20 -33.87
C VAL B 59 3.67 -25.58 -33.62
N GLY B 60 4.38 -25.94 -34.68
CA GLY B 60 5.79 -26.33 -34.59
C GLY B 60 6.11 -27.28 -33.45
N GLY B 61 5.44 -28.43 -33.45
CA GLY B 61 5.68 -29.47 -32.44
C GLY B 61 4.96 -29.29 -31.11
N ARG B 62 4.50 -28.06 -30.85
CA ARG B 62 3.82 -27.72 -29.60
C ARG B 62 2.31 -27.72 -29.76
N TYR B 63 1.60 -28.12 -28.72
CA TYR B 63 0.15 -28.03 -28.69
C TYR B 63 -0.25 -26.81 -27.89
N VAL B 64 -0.92 -25.88 -28.59
CA VAL B 64 -1.28 -24.60 -28.02
C VAL B 64 -2.80 -24.52 -27.92
N THR B 65 -3.29 -24.44 -26.69
CA THR B 65 -4.72 -24.23 -26.46
C THR B 65 -4.93 -22.74 -26.34
N VAL B 66 -5.80 -22.23 -27.21
CA VAL B 66 -6.10 -20.80 -27.29
C VAL B 66 -7.44 -20.57 -26.61
N LEU B 67 -7.49 -19.59 -25.71
CA LEU B 67 -8.69 -19.20 -24.98
C LEU B 67 -9.00 -17.75 -25.34
N LEU B 68 -10.21 -17.51 -25.86
CA LEU B 68 -10.60 -16.19 -26.35
C LEU B 68 -11.86 -15.65 -25.68
N ASP B 69 -12.33 -16.32 -24.63
CA ASP B 69 -13.47 -15.84 -23.86
C ASP B 69 -13.01 -14.94 -22.73
N PRO B 70 -13.25 -13.61 -22.85
CA PRO B 70 -12.74 -12.69 -21.85
C PRO B 70 -13.34 -12.91 -20.46
N HIS B 71 -14.54 -13.48 -20.38
CA HIS B 71 -15.14 -13.82 -19.09
C HIS B 71 -14.28 -14.82 -18.32
N SER B 72 -13.56 -15.67 -19.05
CA SER B 72 -12.79 -16.76 -18.46
C SER B 72 -11.33 -16.43 -18.17
N TYR B 73 -10.89 -15.23 -18.56
CA TYR B 73 -9.49 -14.85 -18.38
C TYR B 73 -9.06 -14.76 -16.91
N ASP B 74 -9.93 -14.17 -16.08
CA ASP B 74 -9.56 -13.81 -14.70
C ASP B 74 -8.98 -14.97 -13.92
N ALA B 75 -9.67 -16.10 -13.97
CA ALA B 75 -9.24 -17.30 -13.26
C ALA B 75 -7.89 -17.80 -13.75
N VAL B 76 -7.75 -17.92 -15.08
CA VAL B 76 -6.52 -18.37 -15.75
C VAL B 76 -5.28 -17.59 -15.32
N VAL B 77 -5.38 -16.26 -15.35
CA VAL B 77 -4.20 -15.42 -15.16
C VAL B 77 -3.71 -15.37 -13.71
N TRP B 78 -4.54 -15.87 -12.80
CA TRP B 78 -4.24 -15.89 -11.37
C TRP B 78 -3.86 -17.28 -10.84
N GLU B 79 -3.94 -18.29 -11.70
CA GLU B 79 -3.56 -19.66 -11.32
C GLU B 79 -2.12 -19.72 -10.83
N PRO B 80 -1.85 -20.54 -9.79
CA PRO B 80 -0.49 -20.62 -9.27
C PRO B 80 0.48 -21.29 -10.24
N ARG B 81 1.77 -20.99 -10.11
CA ARG B 81 2.82 -21.59 -10.92
C ARG B 81 2.84 -23.12 -10.88
N THR B 82 2.22 -23.70 -9.85
CA THR B 82 2.12 -25.15 -9.70
C THR B 82 1.13 -25.77 -10.70
N ARG B 83 0.30 -24.93 -11.29
CA ARG B 83 -0.67 -25.35 -12.30
C ARG B 83 -0.33 -24.75 -13.67
N LEU B 84 -0.20 -23.43 -13.73
CA LEU B 84 0.10 -22.73 -14.97
C LEU B 84 1.33 -21.84 -14.78
N ASP B 85 2.43 -22.22 -15.42
CA ASP B 85 3.72 -21.53 -15.24
C ASP B 85 3.73 -20.22 -16.01
N PHE B 86 3.85 -19.12 -15.25
CA PHE B 86 3.83 -17.77 -15.82
C PHE B 86 5.22 -17.17 -15.97
N HIS B 87 6.25 -17.96 -15.66
CA HIS B 87 7.64 -17.49 -15.67
C HIS B 87 8.37 -17.95 -16.92
N ALA B 88 7.79 -18.90 -17.64
CA ALA B 88 8.46 -19.56 -18.78
C ALA B 88 8.84 -18.60 -19.91
N TYR B 89 7.94 -17.67 -20.23
CA TYR B 89 8.25 -16.70 -21.27
C TYR B 89 9.40 -15.76 -20.87
N ALA B 90 9.35 -15.25 -19.64
CA ALA B 90 10.43 -14.43 -19.11
C ALA B 90 11.79 -15.13 -19.29
N ILE B 91 11.82 -16.43 -18.98
CA ILE B 91 13.04 -17.25 -19.09
C ILE B 91 13.50 -17.35 -20.55
N PHE B 92 12.55 -17.58 -21.45
CA PHE B 92 12.83 -17.62 -22.89
C PHE B 92 13.43 -16.31 -23.37
N LEU B 93 12.75 -15.21 -23.03
CA LEU B 93 13.17 -13.88 -23.44
C LEU B 93 14.55 -13.56 -22.92
N MET B 94 14.76 -13.81 -21.63
CA MET B 94 16.04 -13.54 -20.99
C MET B 94 17.17 -14.35 -21.60
N GLU B 95 16.99 -15.66 -21.64
CA GLU B 95 18.09 -16.58 -21.97
C GLU B 95 18.37 -16.70 -23.46
N ARG B 96 17.32 -16.82 -24.26
CA ARG B 96 17.47 -17.11 -25.68
C ARG B 96 17.47 -15.87 -26.59
N ILE B 97 16.78 -14.82 -26.16
CA ILE B 97 16.69 -13.59 -26.95
C ILE B 97 17.72 -12.55 -26.50
N PHE B 98 17.92 -12.42 -25.18
CA PHE B 98 18.81 -11.40 -24.66
C PHE B 98 20.11 -11.94 -24.05
N ASP B 99 20.28 -13.26 -24.09
CA ASP B 99 21.52 -13.92 -23.68
C ASP B 99 21.85 -13.71 -22.21
N VAL B 100 20.80 -13.59 -21.39
CA VAL B 100 20.94 -13.35 -19.96
C VAL B 100 20.71 -14.66 -19.20
N GLN B 101 21.69 -15.05 -18.40
CA GLN B 101 21.54 -16.18 -17.50
C GLN B 101 21.77 -15.74 -16.07
N LEU B 102 20.74 -15.90 -15.25
CA LEU B 102 20.77 -15.51 -13.85
C LEU B 102 20.60 -16.74 -12.96
N PRO B 103 21.13 -16.68 -11.72
CA PRO B 103 20.92 -17.78 -10.77
C PRO B 103 19.45 -17.93 -10.39
N HIS B 104 19.14 -19.03 -9.70
CA HIS B 104 17.80 -19.26 -9.17
C HIS B 104 17.37 -18.08 -8.32
N TYR B 105 16.16 -17.59 -8.54
CA TYR B 105 15.56 -16.54 -7.71
C TYR B 105 14.05 -16.70 -7.65
N SER B 106 13.47 -16.25 -6.54
CA SER B 106 12.02 -16.30 -6.37
C SER B 106 11.34 -15.29 -7.29
N PRO B 107 10.53 -15.77 -8.26
CA PRO B 107 9.82 -14.90 -9.20
C PRO B 107 8.87 -13.91 -8.52
N SER B 108 8.16 -14.38 -7.50
CA SER B 108 7.23 -13.54 -6.74
C SER B 108 7.95 -12.47 -5.91
N ASP B 109 9.06 -12.86 -5.27
CA ASP B 109 9.88 -11.91 -4.49
C ASP B 109 10.44 -10.79 -5.38
N GLU B 110 10.83 -11.16 -6.60
CA GLU B 110 11.42 -10.21 -7.53
C GLU B 110 10.38 -9.22 -8.08
N LYS B 111 9.19 -9.71 -8.39
CA LYS B 111 8.11 -8.85 -8.85
C LYS B 111 7.72 -7.84 -7.77
N ALA B 112 7.72 -8.29 -6.52
CA ALA B 112 7.45 -7.42 -5.38
C ALA B 112 8.49 -6.30 -5.25
N ARG B 113 9.76 -6.65 -5.43
CA ARG B 113 10.86 -5.69 -5.35
C ARG B 113 10.77 -4.62 -6.45
N MET B 114 10.62 -5.04 -7.70
CA MET B 114 10.54 -4.09 -8.80
C MET B 114 9.28 -3.23 -8.70
N LYS B 115 8.18 -3.84 -8.24
CA LYS B 115 6.91 -3.13 -8.05
C LYS B 115 7.08 -1.81 -7.29
N LEU B 116 7.77 -1.88 -6.16
CA LEU B 116 7.85 -0.74 -5.25
C LEU B 116 8.74 0.39 -5.74
N THR B 117 9.63 0.07 -6.69
CA THR B 117 10.49 1.09 -7.28
C THR B 117 9.72 1.97 -8.28
N LEU B 118 8.49 1.56 -8.59
CA LEU B 118 7.69 2.25 -9.60
C LEU B 118 6.40 2.84 -9.03
N LEU B 119 6.35 2.97 -7.70
CA LEU B 119 5.16 3.48 -7.03
C LEU B 119 5.51 4.54 -5.99
N HIS B 120 4.46 5.19 -5.47
CA HIS B 120 4.57 6.09 -4.32
C HIS B 120 5.55 7.23 -4.57
N ARG B 121 6.48 7.48 -3.64
CA ARG B 121 7.40 8.61 -3.81
C ARG B 121 8.43 8.39 -4.91
N GLU B 122 8.74 7.13 -5.19
CA GLU B 122 9.66 6.79 -6.28
C GLU B 122 9.01 7.06 -7.63
N LEU B 123 7.72 6.75 -7.74
CA LEU B 123 6.94 7.12 -8.93
C LEU B 123 6.96 8.63 -9.14
N GLN B 124 6.78 9.40 -8.07
CA GLN B 124 6.80 10.85 -8.15
C GLN B 124 8.14 11.35 -8.69
N ALA B 125 9.23 10.79 -8.17
CA ALA B 125 10.58 11.16 -8.59
C ALA B 125 10.82 10.84 -10.07
N LEU B 126 10.36 9.66 -10.51
CA LEU B 126 10.49 9.27 -11.92
C LEU B 126 9.74 10.20 -12.84
N THR B 127 8.51 10.52 -12.46
CA THR B 127 7.64 11.34 -13.29
C THR B 127 8.20 12.76 -13.42
N GLU B 128 8.77 13.27 -12.33
CA GLU B 128 9.39 14.59 -12.34
C GLU B 128 10.64 14.63 -13.23
N ALA B 129 11.49 13.62 -13.11
CA ALA B 129 12.70 13.51 -13.93
C ALA B 129 12.35 13.31 -15.41
N MET B 130 11.31 12.51 -15.66
CA MET B 130 10.86 12.26 -17.03
C MET B 130 10.44 13.53 -17.76
N TYR B 131 9.70 14.40 -17.08
CA TYR B 131 9.29 15.64 -17.70
C TYR B 131 10.50 16.49 -18.07
N THR B 132 11.42 16.60 -17.12
CA THR B 132 12.66 17.35 -17.32
C THR B 132 13.44 16.80 -18.52
N ASN B 133 13.55 15.48 -18.61
CA ASN B 133 14.30 14.88 -19.71
C ASN B 133 13.59 14.99 -21.06
N LEU B 134 12.27 14.83 -21.06
CA LEU B 134 11.49 14.98 -22.28
C LEU B 134 11.63 16.41 -22.82
N HIS B 135 11.51 17.38 -21.92
CA HIS B 135 11.62 18.79 -22.27
C HIS B 135 13.02 19.10 -22.80
N ALA B 136 14.04 18.62 -22.07
CA ALA B 136 15.42 18.84 -22.46
C ALA B 136 15.76 18.27 -23.84
N VAL B 137 15.36 17.03 -24.09
CA VAL B 137 15.71 16.35 -25.34
C VAL B 137 14.92 16.89 -26.53
N LEU B 138 13.61 17.09 -26.35
CA LEU B 138 12.73 17.59 -27.41
C LEU B 138 13.08 19.03 -27.81
N LEU B 139 13.10 19.94 -26.83
CA LEU B 139 13.34 21.35 -27.09
C LEU B 139 14.82 21.64 -27.37
N GLY B 140 15.69 20.82 -26.80
CA GLY B 140 17.12 20.90 -27.06
C GLY B 140 17.45 20.55 -28.51
N ASP B 141 16.93 19.41 -28.96
CA ASP B 141 17.09 18.95 -30.34
C ASP B 141 16.48 19.91 -31.35
N ALA B 142 15.33 20.48 -31.00
CA ALA B 142 14.64 21.40 -31.89
C ALA B 142 15.32 22.77 -31.95
N THR B 143 15.82 23.25 -30.80
CA THR B 143 16.53 24.53 -30.72
C THR B 143 17.84 24.50 -31.50
N GLU B 144 18.60 23.41 -31.35
CA GLU B 144 19.90 23.30 -32.02
C GLU B 144 19.76 22.90 -33.50
N ALA B 145 18.55 22.52 -33.90
CA ALA B 145 18.23 22.27 -35.31
C ALA B 145 17.67 23.53 -35.99
N GLY B 146 17.20 24.48 -35.18
CA GLY B 146 16.67 25.74 -35.68
C GLY B 146 15.18 25.89 -35.48
N SER B 147 14.70 27.15 -35.54
CA SER B 147 13.29 27.45 -35.31
C SER B 147 12.37 27.16 -36.52
N GLY B 148 12.93 26.50 -37.54
CA GLY B 148 12.17 26.17 -38.75
C GLY B 148 11.56 24.78 -38.73
N TRP B 149 10.88 24.44 -39.82
CA TRP B 149 10.24 23.13 -39.98
C TRP B 149 11.25 22.00 -40.18
N HIS B 150 10.93 20.82 -39.66
CA HIS B 150 11.79 19.64 -39.85
C HIS B 150 10.95 18.43 -40.23
N GLU B 151 11.36 17.75 -41.29
CA GLU B 151 10.64 16.55 -41.76
C GLU B 151 11.19 15.27 -41.14
N MET B 152 10.28 14.44 -40.67
CA MET B 152 10.61 13.22 -39.93
C MET B 152 9.45 12.26 -40.04
N GLY B 153 9.71 10.98 -39.92
CA GLY B 153 8.64 9.99 -39.76
C GLY B 153 8.08 10.11 -38.34
N LEU B 154 6.76 9.97 -38.20
CA LEU B 154 6.10 10.16 -36.91
C LEU B 154 6.51 9.11 -35.88
N LEU B 155 6.78 7.89 -36.32
CA LEU B 155 7.27 6.85 -35.40
C LEU B 155 8.69 7.16 -34.96
N ASP B 156 9.54 7.52 -35.93
CA ASP B 156 10.90 7.97 -35.63
C ASP B 156 10.86 9.09 -34.59
N PHE B 157 9.97 10.06 -34.79
CA PHE B 157 9.78 11.19 -33.88
C PHE B 157 9.35 10.73 -32.47
N SER B 158 8.26 9.98 -32.38
CA SER B 158 7.70 9.56 -31.09
C SER B 158 8.63 8.63 -30.33
N TYR B 159 9.21 7.66 -31.04
CA TYR B 159 10.04 6.62 -30.44
C TYR B 159 11.35 7.21 -29.96
N SER B 160 11.96 8.05 -30.78
CA SER B 160 13.26 8.62 -30.40
C SER B 160 13.14 9.47 -29.12
N PHE B 161 12.16 10.38 -29.08
CA PHE B 161 12.07 11.28 -27.94
C PHE B 161 11.66 10.56 -26.65
N LEU B 162 10.68 9.66 -26.73
CA LEU B 162 10.29 8.91 -25.55
C LEU B 162 11.36 7.95 -25.04
N LEU B 163 12.05 7.23 -25.94
CA LEU B 163 13.08 6.30 -25.49
C LEU B 163 14.27 7.07 -24.91
N ARG B 164 14.69 8.14 -25.59
CA ARG B 164 15.81 8.94 -25.09
C ARG B 164 15.55 9.51 -23.70
N ALA B 165 14.36 10.07 -23.49
CA ALA B 165 13.98 10.59 -22.17
C ALA B 165 13.84 9.47 -21.14
N GLY B 166 13.24 8.36 -21.56
CA GLY B 166 13.08 7.20 -20.69
C GLY B 166 14.41 6.61 -20.23
N TYR B 167 15.35 6.50 -21.17
CA TYR B 167 16.70 6.05 -20.85
C TYR B 167 17.37 6.98 -19.83
N LEU B 168 17.34 8.28 -20.08
CA LEU B 168 17.97 9.24 -19.16
C LEU B 168 17.33 9.22 -17.78
N THR B 169 16.02 8.98 -17.74
CA THR B 169 15.27 8.96 -16.48
C THR B 169 15.64 7.73 -15.64
N LEU B 170 15.63 6.55 -16.26
CA LEU B 170 15.95 5.34 -15.52
C LEU B 170 17.45 5.15 -15.25
N TYR B 171 18.27 5.43 -16.27
CA TYR B 171 19.70 5.12 -16.22
C TYR B 171 20.59 6.31 -15.84
N GLY B 172 19.98 7.46 -15.58
CA GLY B 172 20.73 8.62 -15.12
C GLY B 172 21.22 9.52 -16.23
N ILE B 173 21.76 10.66 -15.83
CA ILE B 173 22.18 11.73 -16.74
C ILE B 173 23.68 12.02 -16.56
N GLU B 174 24.23 12.85 -17.46
CA GLU B 174 25.66 13.15 -17.47
C GLU B 174 26.12 13.84 -16.18
N ALA B 175 25.38 14.85 -15.74
CA ALA B 175 25.74 15.62 -14.55
C ALA B 175 24.53 16.22 -13.84
N LEU B 176 24.64 16.37 -12.52
CA LEU B 176 23.66 17.07 -11.71
C LEU B 176 24.44 17.90 -10.70
N PRO B 177 24.26 19.25 -10.71
CA PRO B 177 23.30 20.02 -11.50
C PRO B 177 23.56 20.03 -13.00
N ARG B 178 22.49 20.20 -13.77
CA ARG B 178 22.56 20.26 -15.22
C ARG B 178 23.32 21.51 -15.67
N THR B 179 24.15 21.34 -16.70
CA THR B 179 24.82 22.45 -17.38
C THR B 179 24.49 22.36 -18.86
N HIS B 180 24.75 23.43 -19.62
CA HIS B 180 24.51 23.36 -21.05
C HIS B 180 25.36 22.28 -21.72
N GLU B 181 26.59 22.11 -21.23
CA GLU B 181 27.49 21.07 -21.73
C GLU B 181 26.97 19.66 -21.45
N SER B 182 26.52 19.44 -20.22
CA SER B 182 26.06 18.11 -19.80
C SER B 182 24.76 17.73 -20.52
N GLN B 183 23.85 18.69 -20.65
CA GLN B 183 22.58 18.45 -21.35
C GLN B 183 22.79 18.15 -22.83
N ALA B 184 23.72 18.87 -23.46
CA ALA B 184 24.08 18.61 -24.85
C ALA B 184 24.66 17.21 -25.01
N GLN B 185 25.48 16.79 -24.05
CA GLN B 185 26.02 15.44 -24.03
C GLN B 185 24.92 14.39 -23.83
N ASP B 186 23.97 14.68 -22.92
CA ASP B 186 22.77 13.87 -22.73
C ASP B 186 22.04 13.64 -24.06
N ARG B 187 21.93 14.69 -24.86
CA ARG B 187 21.24 14.60 -26.15
C ARG B 187 21.97 13.73 -27.17
N VAL B 188 23.29 13.94 -27.32
CA VAL B 188 24.09 13.15 -28.26
C VAL B 188 24.15 11.67 -27.86
N HIS B 189 24.44 11.41 -26.59
CA HIS B 189 24.56 10.04 -26.06
C HIS B 189 23.24 9.28 -26.13
N SER B 190 22.15 9.92 -25.71
CA SER B 190 20.83 9.28 -25.78
C SER B 190 20.42 8.99 -27.22
N ALA B 191 20.73 9.90 -28.14
CA ALA B 191 20.48 9.67 -29.57
C ALA B 191 21.25 8.45 -30.07
N ASP B 192 22.50 8.31 -29.62
CA ASP B 192 23.32 7.14 -29.93
C ASP B 192 22.70 5.83 -29.40
N VAL B 193 22.29 5.84 -28.14
CA VAL B 193 21.60 4.69 -27.55
C VAL B 193 20.36 4.32 -28.38
N PHE B 194 19.55 5.33 -28.73
CA PHE B 194 18.33 5.07 -29.50
C PHE B 194 18.60 4.49 -30.89
N HIS B 195 19.57 5.07 -31.60
CA HIS B 195 19.92 4.62 -32.95
C HIS B 195 20.31 3.15 -32.94
N THR B 196 21.10 2.76 -31.95
CA THR B 196 21.53 1.39 -31.80
C THR B 196 20.34 0.51 -31.38
N PHE B 197 19.60 0.96 -30.37
CA PHE B 197 18.43 0.23 -29.87
C PHE B 197 17.43 -0.11 -30.96
N ARG B 198 17.13 0.86 -31.82
CA ARG B 198 16.10 0.68 -32.84
C ARG B 198 16.48 -0.45 -33.80
N GLN B 199 17.77 -0.59 -34.08
CA GLN B 199 18.24 -1.69 -34.92
C GLN B 199 17.97 -3.05 -34.27
N LEU B 200 18.22 -3.15 -32.95
CA LEU B 200 17.92 -4.36 -32.20
C LEU B 200 16.41 -4.64 -32.22
N ASP B 201 15.62 -3.59 -31.97
CA ASP B 201 14.17 -3.73 -31.91
C ASP B 201 13.60 -4.24 -33.23
N ARG B 202 14.12 -3.74 -34.35
CA ARG B 202 13.66 -4.16 -35.67
C ARG B 202 13.92 -5.64 -35.95
N LEU B 203 15.04 -6.15 -35.44
CA LEU B 203 15.47 -7.52 -35.67
C LEU B 203 14.88 -8.54 -34.69
N LEU B 204 14.26 -8.06 -33.60
CA LEU B 204 13.86 -8.93 -32.49
C LEU B 204 12.79 -9.98 -32.86
N PRO B 205 11.70 -9.57 -33.55
CA PRO B 205 10.68 -10.58 -33.92
C PRO B 205 11.26 -11.73 -34.76
N LYS B 206 12.13 -11.43 -35.72
CA LYS B 206 12.73 -12.47 -36.55
C LYS B 206 13.72 -13.34 -35.77
N LEU B 207 14.43 -12.75 -34.81
CA LEU B 207 15.32 -13.52 -33.94
C LEU B 207 14.49 -14.52 -33.12
N ALA B 208 13.39 -14.04 -32.56
CA ALA B 208 12.52 -14.86 -31.72
C ALA B 208 11.90 -16.03 -32.49
N ARG B 209 11.56 -15.79 -33.75
CA ARG B 209 10.97 -16.85 -34.59
C ARG B 209 12.00 -17.70 -35.33
N GLY B 210 13.26 -17.28 -35.28
CA GLY B 210 14.37 -18.04 -35.87
C GLY B 210 14.45 -17.93 -37.38
N SER B 211 14.01 -16.79 -37.92
CA SER B 211 13.94 -16.61 -39.37
C SER B 211 14.96 -15.60 -39.92
N LEU B 212 15.92 -15.18 -39.08
CA LEU B 212 16.96 -14.27 -39.53
C LEU B 212 17.96 -14.95 -40.47
N SER B 213 18.34 -14.25 -41.52
CA SER B 213 19.49 -14.66 -42.33
C SER B 213 20.74 -14.60 -41.46
N VAL B 214 21.80 -15.29 -41.88
CA VAL B 214 23.06 -15.26 -41.14
C VAL B 214 23.59 -13.82 -41.03
N GLY B 215 23.48 -13.06 -42.12
CA GLY B 215 23.88 -11.66 -42.12
C GLY B 215 23.14 -10.81 -41.11
N ASP B 216 21.83 -11.01 -41.02
CA ASP B 216 21.02 -10.26 -40.05
C ASP B 216 21.30 -10.71 -38.61
N LYS B 217 21.63 -11.99 -38.43
CA LYS B 217 22.11 -12.50 -37.14
C LYS B 217 23.37 -11.78 -36.68
N ASP B 218 24.34 -11.63 -37.60
CA ASP B 218 25.57 -10.90 -37.30
C ASP B 218 25.31 -9.42 -36.97
N HIS B 219 24.37 -8.82 -37.68
CA HIS B 219 23.94 -7.45 -37.44
C HIS B 219 23.35 -7.33 -36.03
N MET B 220 22.43 -8.24 -35.70
CA MET B 220 21.84 -8.29 -34.35
C MET B 220 22.93 -8.43 -33.28
N CYS B 221 23.91 -9.28 -33.56
CA CYS B 221 24.98 -9.49 -32.61
C CYS B 221 25.82 -8.23 -32.38
N SER B 222 26.09 -7.50 -33.45
CA SER B 222 26.83 -6.25 -33.37
C SER B 222 26.08 -5.21 -32.53
N VAL B 223 24.78 -5.07 -32.77
CA VAL B 223 23.98 -4.10 -32.03
C VAL B 223 23.86 -4.48 -30.54
N LYS B 224 23.67 -5.77 -30.25
CA LYS B 224 23.64 -6.25 -28.87
C LYS B 224 24.95 -5.94 -28.16
N SER B 225 26.05 -6.32 -28.80
CA SER B 225 27.41 -6.12 -28.27
C SER B 225 27.67 -4.65 -27.93
N ARG B 226 27.25 -3.76 -28.84
CA ARG B 226 27.43 -2.34 -28.61
C ARG B 226 26.61 -1.86 -27.41
N LEU B 227 25.35 -2.30 -27.33
CA LEU B 227 24.51 -1.91 -26.19
C LEU B 227 25.04 -2.44 -24.86
N TRP B 228 25.57 -3.66 -24.88
CA TRP B 228 26.16 -4.23 -23.67
C TRP B 228 27.33 -3.38 -23.16
N LYS B 229 28.08 -2.79 -24.09
CA LYS B 229 29.18 -1.89 -23.72
C LYS B 229 28.66 -0.55 -23.21
N LEU B 230 27.65 -0.01 -23.90
CA LEU B 230 27.07 1.29 -23.55
C LEU B 230 26.42 1.29 -22.16
N LEU B 231 25.79 0.17 -21.82
CA LEU B 231 25.04 0.06 -20.57
C LEU B 231 25.73 -0.82 -19.55
N SER B 232 27.07 -0.87 -19.62
CA SER B 232 27.84 -1.64 -18.66
C SER B 232 27.73 -0.98 -17.29
N PRO B 233 27.71 -1.77 -16.21
CA PRO B 233 27.74 -1.15 -14.88
C PRO B 233 28.82 -0.08 -14.70
N ALA B 234 30.02 -0.31 -15.27
CA ALA B 234 31.11 0.65 -15.19
C ALA B 234 30.75 2.01 -15.78
N ARG B 235 30.13 1.98 -16.96
CA ARG B 235 29.69 3.20 -17.64
C ARG B 235 28.56 3.90 -16.87
N LEU B 236 27.63 3.11 -16.34
CA LEU B 236 26.49 3.64 -15.62
C LEU B 236 26.85 4.21 -14.25
N ALA B 237 27.93 3.70 -13.66
CA ALA B 237 28.36 4.09 -12.32
C ALA B 237 28.67 5.59 -12.18
N ARG B 238 29.07 6.21 -13.28
CA ARG B 238 29.45 7.63 -13.31
C ARG B 238 28.25 8.56 -13.47
N ARG B 239 27.07 8.00 -13.71
CA ARG B 239 25.91 8.81 -14.07
C ARG B 239 25.19 9.41 -12.86
N ALA B 240 24.58 10.57 -13.08
CA ALA B 240 23.90 11.32 -12.02
C ALA B 240 22.39 11.06 -12.04
N HIS B 241 21.78 11.20 -10.86
CA HIS B 241 20.33 11.07 -10.69
C HIS B 241 19.80 9.77 -11.28
N ARG B 242 20.47 8.67 -10.94
CA ARG B 242 20.00 7.35 -11.37
C ARG B 242 18.71 7.02 -10.62
N SER B 243 17.82 6.30 -11.29
CA SER B 243 16.56 5.90 -10.69
C SER B 243 16.76 4.88 -9.58
N LYS B 244 15.87 4.92 -8.59
CA LYS B 244 15.79 3.86 -7.59
C LYS B 244 15.59 2.51 -8.26
N TRP B 245 14.79 2.49 -9.32
CA TRP B 245 14.59 1.30 -10.13
C TRP B 245 15.93 0.66 -10.53
N LEU B 246 16.83 1.48 -11.06
CA LEU B 246 18.13 1.00 -11.51
C LEU B 246 19.01 0.59 -10.33
N GLU B 247 19.11 1.48 -9.34
CA GLU B 247 19.94 1.23 -8.15
C GLU B 247 19.56 -0.09 -7.48
N SER B 248 18.25 -0.28 -7.27
CA SER B 248 17.71 -1.49 -6.66
C SER B 248 17.95 -2.74 -7.51
N TYR B 249 17.79 -2.62 -8.83
CA TYR B 249 18.00 -3.75 -9.72
C TYR B 249 19.46 -4.19 -9.69
N LEU B 250 20.37 -3.21 -9.69
CA LEU B 250 21.81 -3.47 -9.61
C LEU B 250 22.17 -4.19 -8.31
N LEU B 251 21.64 -3.72 -7.18
CA LEU B 251 21.86 -4.38 -5.89
C LEU B 251 21.42 -5.84 -5.92
N HIS B 252 20.24 -6.08 -6.47
CA HIS B 252 19.68 -7.43 -6.61
C HIS B 252 20.56 -8.36 -7.44
N LEU B 253 21.11 -7.84 -8.53
CA LEU B 253 22.06 -8.60 -9.36
C LEU B 253 23.37 -8.86 -8.63
N GLU B 254 23.89 -7.85 -7.94
CA GLU B 254 25.11 -8.00 -7.12
C GLU B 254 24.95 -9.04 -6.02
N GLU B 255 23.77 -9.07 -5.39
CA GLU B 255 23.45 -10.03 -4.33
C GLU B 255 23.46 -11.47 -4.82
N MET B 256 23.03 -11.66 -6.08
CA MET B 256 23.01 -12.98 -6.71
C MET B 256 24.38 -13.43 -7.22
N GLY B 257 25.34 -12.52 -7.18
CA GLY B 257 26.70 -12.81 -7.64
C GLY B 257 26.85 -12.77 -9.15
N VAL B 258 26.00 -11.98 -9.80
CA VAL B 258 26.06 -11.81 -11.26
C VAL B 258 27.28 -11.00 -11.66
N SER B 259 28.02 -11.49 -12.65
CA SER B 259 29.20 -10.81 -13.18
C SER B 259 28.84 -9.49 -13.84
N GLU B 260 29.78 -8.54 -13.89
CA GLU B 260 29.50 -7.24 -14.49
C GLU B 260 29.11 -7.35 -15.97
N GLU B 261 29.71 -8.31 -16.68
CA GLU B 261 29.35 -8.60 -18.07
C GLU B 261 27.89 -9.05 -18.20
N MET B 262 27.48 -9.99 -17.34
CA MET B 262 26.11 -10.48 -17.36
C MET B 262 25.11 -9.40 -16.91
N GLN B 263 25.53 -8.56 -15.95
CA GLN B 263 24.72 -7.42 -15.53
C GLN B 263 24.40 -6.50 -16.70
N ALA B 264 25.42 -6.21 -17.51
CA ALA B 264 25.22 -5.39 -18.72
C ALA B 264 24.15 -6.00 -19.63
N ARG B 265 24.17 -7.32 -19.79
CA ARG B 265 23.17 -7.99 -20.62
C ARG B 265 21.78 -7.87 -20.00
N ALA B 266 21.71 -8.00 -18.68
CA ALA B 266 20.43 -7.82 -17.97
C ALA B 266 19.90 -6.39 -18.13
N LEU B 267 20.80 -5.42 -18.06
CA LEU B 267 20.41 -4.02 -18.18
C LEU B 267 19.88 -3.67 -19.57
N VAL B 268 20.43 -4.32 -20.61
CA VAL B 268 19.95 -4.15 -21.99
C VAL B 268 18.59 -4.84 -22.18
N LEU B 269 18.44 -6.01 -21.57
CA LEU B 269 17.12 -6.66 -21.49
C LEU B 269 16.10 -5.68 -20.92
N GLN B 270 16.46 -5.04 -19.81
CA GLN B 270 15.56 -4.10 -19.17
C GLN B 270 15.26 -2.87 -20.02
N LEU B 271 16.28 -2.41 -20.78
CA LEU B 271 16.08 -1.30 -21.70
C LEU B 271 14.97 -1.65 -22.71
N TRP B 272 15.08 -2.82 -23.33
CA TRP B 272 14.06 -3.22 -24.30
C TRP B 272 12.71 -3.46 -23.62
N ALA B 273 12.73 -4.12 -22.46
CA ALA B 273 11.49 -4.47 -21.78
C ALA B 273 10.69 -3.22 -21.45
N THR B 274 11.38 -2.23 -20.89
CA THR B 274 10.74 -1.01 -20.39
C THR B 274 10.54 0.11 -21.42
N GLN B 275 11.30 0.07 -22.52
CA GLN B 275 11.26 1.16 -23.49
C GLN B 275 10.72 0.78 -24.87
N GLY B 276 10.36 -0.48 -25.06
CA GLY B 276 9.96 -0.99 -26.37
C GLY B 276 8.52 -0.71 -26.76
N ASN B 277 7.74 -0.16 -25.83
CA ASN B 277 6.30 0.08 -26.06
C ASN B 277 5.82 1.53 -25.98
N MET B 278 6.44 2.35 -25.14
CA MET B 278 5.99 3.75 -24.98
C MET B 278 6.01 4.54 -26.29
N GLY B 279 7.15 4.53 -26.97
CA GLY B 279 7.29 5.22 -28.26
C GLY B 279 6.24 4.84 -29.30
N PRO B 280 6.16 3.54 -29.63
CA PRO B 280 5.08 3.02 -30.49
C PRO B 280 3.67 3.39 -30.04
N ALA B 281 3.40 3.33 -28.73
CA ALA B 281 2.08 3.70 -28.21
C ALA B 281 1.76 5.15 -28.55
N ALA B 282 2.73 6.03 -28.36
CA ALA B 282 2.56 7.46 -28.61
C ALA B 282 2.46 7.76 -30.10
N PHE B 283 3.18 6.98 -30.93
CA PHE B 283 3.03 7.10 -32.39
C PHE B 283 1.57 6.90 -32.79
N TRP B 284 0.95 5.80 -32.39
CA TRP B 284 -0.42 5.53 -32.78
C TRP B 284 -1.37 6.59 -32.24
N LEU B 285 -1.15 7.00 -30.99
CA LEU B 285 -2.00 8.01 -30.37
C LEU B 285 -1.97 9.31 -31.19
N LEU B 286 -0.77 9.79 -31.51
CA LEU B 286 -0.61 11.03 -32.26
C LEU B 286 -1.19 10.88 -33.66
N LEU B 287 -0.94 9.74 -34.29
CA LEU B 287 -1.47 9.47 -35.62
C LEU B 287 -3.00 9.50 -35.63
N PHE B 288 -3.63 8.84 -34.66
CA PHE B 288 -5.08 8.83 -34.56
C PHE B 288 -5.62 10.25 -34.38
N LEU B 289 -4.94 11.04 -33.54
CA LEU B 289 -5.35 12.43 -33.34
C LEU B 289 -5.23 13.25 -34.63
N LEU B 290 -4.10 13.07 -35.33
CA LEU B 290 -3.86 13.80 -36.59
C LEU B 290 -4.85 13.44 -37.69
N LYS B 291 -5.36 12.22 -37.64
CA LYS B 291 -6.34 11.72 -38.63
C LYS B 291 -7.78 12.00 -38.24
N ASN B 292 -7.99 12.43 -37.00
CA ASN B 292 -9.34 12.70 -36.48
C ASN B 292 -9.44 14.08 -35.84
N PRO B 293 -9.69 15.12 -36.66
CA PRO B 293 -9.75 16.52 -36.23
C PRO B 293 -10.59 16.79 -34.98
N GLU B 294 -11.74 16.14 -34.83
CA GLU B 294 -12.59 16.36 -33.65
C GLU B 294 -11.92 15.86 -32.37
N ALA B 295 -11.22 14.73 -32.48
CA ALA B 295 -10.47 14.17 -31.37
C ALA B 295 -9.30 15.09 -30.97
N LEU B 296 -8.54 15.53 -31.96
CA LEU B 296 -7.42 16.44 -31.76
C LEU B 296 -7.87 17.73 -31.06
N ALA B 297 -9.00 18.28 -31.52
CA ALA B 297 -9.56 19.51 -30.93
C ALA B 297 -9.98 19.30 -29.49
N ALA B 298 -10.53 18.13 -29.19
CA ALA B 298 -10.96 17.79 -27.83
C ALA B 298 -9.77 17.67 -26.88
N VAL B 299 -8.69 17.04 -27.35
CA VAL B 299 -7.45 16.94 -26.56
C VAL B 299 -6.79 18.31 -26.37
N ARG B 300 -6.56 19.01 -27.49
CA ARG B 300 -5.99 20.36 -27.45
C ARG B 300 -6.80 21.29 -26.54
N GLY B 301 -8.12 21.21 -26.63
CA GLY B 301 -9.01 22.04 -25.81
C GLY B 301 -8.87 21.74 -24.32
N GLU B 302 -8.83 20.45 -24.00
CA GLU B 302 -8.60 20.01 -22.63
C GLU B 302 -7.26 20.52 -22.09
N LEU B 303 -6.21 20.39 -22.87
CA LEU B 303 -4.86 20.78 -22.44
C LEU B 303 -4.72 22.28 -22.26
N GLU B 304 -5.26 23.06 -23.20
CA GLU B 304 -5.23 24.51 -23.11
C GLU B 304 -5.98 24.98 -21.86
N SER B 305 -7.16 24.40 -21.64
CA SER B 305 -8.00 24.75 -20.50
C SER B 305 -7.31 24.54 -19.17
N ILE B 306 -6.76 23.34 -18.97
CA ILE B 306 -6.15 22.97 -17.69
C ILE B 306 -4.83 23.71 -17.42
N LEU B 307 -4.03 23.94 -18.46
CA LEU B 307 -2.76 24.65 -18.31
C LEU B 307 -3.00 26.10 -17.94
N TRP B 308 -4.02 26.71 -18.55
CA TRP B 308 -4.45 28.04 -18.16
C TRP B 308 -5.16 27.94 -16.81
N GLN B 309 -4.80 28.81 -15.88
CA GLN B 309 -5.39 28.79 -14.54
C GLN B 309 -5.67 30.21 -14.03
N THR B 319 7.95 21.47 -13.27
CA THR B 319 7.61 22.24 -14.47
C THR B 319 6.25 21.82 -15.04
N LEU B 320 5.86 20.57 -14.78
CA LEU B 320 4.49 20.10 -15.06
C LEU B 320 3.93 19.40 -13.82
N PRO B 321 3.06 20.10 -13.07
CA PRO B 321 2.46 19.53 -11.85
C PRO B 321 1.61 18.29 -12.13
N GLN B 322 1.71 17.29 -11.26
CA GLN B 322 0.93 16.06 -11.38
C GLN B 322 -0.57 16.31 -11.37
N LYS B 323 -0.99 17.34 -10.63
CA LYS B 323 -2.39 17.75 -10.58
C LYS B 323 -2.94 18.06 -11.97
N VAL B 324 -2.11 18.67 -12.81
CA VAL B 324 -2.48 18.96 -14.20
C VAL B 324 -2.60 17.65 -14.99
N LEU B 325 -1.62 16.76 -14.82
CA LEU B 325 -1.63 15.45 -15.49
C LEU B 325 -2.87 14.61 -15.20
N ASP B 326 -3.29 14.58 -13.94
CA ASP B 326 -4.47 13.78 -13.57
C ASP B 326 -5.81 14.52 -13.76
N SER B 327 -5.77 15.63 -14.49
CA SER B 327 -6.98 16.36 -14.88
C SER B 327 -7.20 16.29 -16.39
N THR B 328 -6.84 15.15 -16.97
CA THR B 328 -6.98 14.95 -18.42
C THR B 328 -7.87 13.74 -18.77
N PRO B 329 -9.17 13.78 -18.42
CA PRO B 329 -10.03 12.64 -18.74
C PRO B 329 -10.08 12.29 -20.23
N VAL B 330 -10.14 13.31 -21.09
CA VAL B 330 -10.21 13.09 -22.54
C VAL B 330 -8.93 12.42 -23.04
N LEU B 331 -7.77 12.92 -22.61
CA LEU B 331 -6.50 12.31 -23.03
C LEU B 331 -6.37 10.88 -22.50
N ASP B 332 -6.84 10.63 -21.28
CA ASP B 332 -6.88 9.26 -20.73
C ASP B 332 -7.69 8.32 -21.63
N SER B 333 -8.85 8.77 -22.08
CA SER B 333 -9.69 7.99 -22.99
C SER B 333 -8.99 7.73 -24.31
N VAL B 334 -8.37 8.78 -24.86
CA VAL B 334 -7.61 8.70 -26.10
C VAL B 334 -6.48 7.65 -26.00
N LEU B 335 -5.76 7.63 -24.87
CA LEU B 335 -4.68 6.66 -24.70
C LEU B 335 -5.23 5.24 -24.61
N SER B 336 -6.29 5.07 -23.83
CA SER B 336 -6.95 3.78 -23.68
C SER B 336 -7.46 3.26 -25.02
N GLU B 337 -8.04 4.15 -25.81
CA GLU B 337 -8.56 3.78 -27.12
C GLU B 337 -7.46 3.44 -28.12
N SER B 338 -6.36 4.19 -28.08
CA SER B 338 -5.21 3.88 -28.92
C SER B 338 -4.63 2.51 -28.59
N LEU B 339 -4.47 2.25 -27.28
CA LEU B 339 -3.97 0.95 -26.83
C LEU B 339 -4.93 -0.19 -27.17
N ARG B 340 -6.23 0.07 -27.08
CA ARG B 340 -7.22 -0.97 -27.40
C ARG B 340 -6.99 -1.47 -28.83
N LEU B 341 -6.67 -0.55 -29.72
CA LEU B 341 -6.51 -0.87 -31.14
C LEU B 341 -5.14 -1.41 -31.53
N THR B 342 -4.13 -1.14 -30.71
CA THR B 342 -2.76 -1.39 -31.17
C THR B 342 -1.88 -2.20 -30.22
N ALA B 343 -2.34 -2.47 -29.01
CA ALA B 343 -1.56 -3.30 -28.10
C ALA B 343 -1.92 -4.77 -28.30
N ALA B 344 -0.93 -5.59 -28.65
CA ALA B 344 -1.20 -7.00 -28.97
C ALA B 344 -0.27 -8.03 -28.31
N PRO B 345 -0.02 -7.92 -26.99
CA PRO B 345 0.77 -8.96 -26.33
C PRO B 345 0.00 -10.28 -26.26
N PHE B 346 0.71 -11.39 -26.31
CA PHE B 346 0.14 -12.67 -25.91
C PHE B 346 0.19 -12.79 -24.41
N ILE B 347 -0.81 -13.45 -23.83
CA ILE B 347 -0.72 -13.90 -22.45
C ILE B 347 -0.60 -15.41 -22.52
N THR B 348 0.55 -15.94 -22.11
CA THR B 348 0.76 -17.39 -22.19
C THR B 348 1.15 -18.02 -20.86
N ARG B 349 0.87 -19.32 -20.76
CA ARG B 349 1.22 -20.13 -19.60
C ARG B 349 1.65 -21.49 -20.11
N GLU B 350 2.59 -22.12 -19.39
CA GLU B 350 2.92 -23.51 -19.65
C GLU B 350 2.13 -24.36 -18.67
N VAL B 351 1.51 -25.42 -19.20
CA VAL B 351 0.70 -26.29 -18.36
C VAL B 351 1.63 -27.27 -17.64
N VAL B 352 1.64 -27.18 -16.31
CA VAL B 352 2.61 -27.88 -15.47
C VAL B 352 2.22 -29.34 -15.19
N VAL B 353 0.91 -29.56 -15.08
CA VAL B 353 0.33 -30.86 -14.79
C VAL B 353 -0.98 -30.97 -15.58
N ASP B 354 -1.42 -32.18 -15.91
CA ASP B 354 -2.77 -32.36 -16.44
C ASP B 354 -3.73 -31.67 -15.48
N LEU B 355 -4.61 -30.83 -16.01
CA LEU B 355 -5.55 -30.10 -15.17
C LEU B 355 -6.83 -29.75 -15.91
N ALA B 356 -7.84 -29.39 -15.13
CA ALA B 356 -9.10 -28.86 -15.65
C ALA B 356 -9.12 -27.35 -15.49
N MET B 357 -9.40 -26.66 -16.60
CA MET B 357 -9.50 -25.20 -16.61
C MET B 357 -10.97 -24.79 -16.67
N PRO B 358 -11.44 -24.00 -15.69
CA PRO B 358 -12.84 -23.61 -15.68
C PRO B 358 -13.14 -22.49 -16.67
N MET B 359 -14.30 -22.59 -17.33
CA MET B 359 -14.86 -21.51 -18.11
C MET B 359 -15.87 -20.78 -17.23
N ALA B 360 -16.06 -19.49 -17.48
CA ALA B 360 -16.95 -18.68 -16.64
C ALA B 360 -18.39 -19.18 -16.66
N ASP B 361 -18.80 -19.80 -17.76
CA ASP B 361 -20.16 -20.32 -17.92
C ASP B 361 -20.42 -21.62 -17.17
N GLY B 362 -19.36 -22.27 -16.69
CA GLY B 362 -19.51 -23.50 -15.89
C GLY B 362 -18.82 -24.72 -16.48
N ARG B 363 -18.58 -24.69 -17.79
CA ARG B 363 -17.77 -25.71 -18.47
C ARG B 363 -16.35 -25.75 -17.90
N GLU B 364 -15.76 -26.94 -17.93
CA GLU B 364 -14.33 -27.10 -17.68
C GLU B 364 -13.73 -27.77 -18.91
N PHE B 365 -12.47 -27.47 -19.18
CA PHE B 365 -11.74 -28.12 -20.27
C PHE B 365 -10.42 -28.68 -19.76
N ASN B 366 -10.08 -29.89 -20.20
CA ASN B 366 -8.87 -30.56 -19.77
C ASN B 366 -7.68 -30.17 -20.62
N LEU B 367 -6.61 -29.76 -19.95
CA LEU B 367 -5.35 -29.39 -20.60
C LEU B 367 -4.28 -30.37 -20.15
N ARG B 368 -3.32 -30.66 -21.03
CA ARG B 368 -2.27 -31.63 -20.72
C ARG B 368 -0.97 -30.98 -20.30
N ARG B 369 -0.27 -31.66 -19.38
CA ARG B 369 1.09 -31.30 -19.03
C ARG B 369 1.92 -31.07 -20.29
N GLY B 370 2.59 -29.93 -20.36
CA GLY B 370 3.45 -29.62 -21.49
C GLY B 370 2.80 -28.80 -22.60
N ASP B 371 1.47 -28.67 -22.56
CA ASP B 371 0.76 -27.79 -23.49
C ASP B 371 1.06 -26.33 -23.13
N ARG B 372 0.88 -25.46 -24.13
CA ARG B 372 0.88 -24.02 -23.89
C ARG B 372 -0.55 -23.50 -23.92
N LEU B 373 -0.87 -22.62 -22.98
CA LEU B 373 -2.15 -21.93 -22.97
C LEU B 373 -1.90 -20.51 -23.45
N LEU B 374 -2.71 -20.05 -24.40
CA LEU B 374 -2.53 -18.71 -24.96
C LEU B 374 -3.84 -17.95 -24.93
N LEU B 375 -3.80 -16.74 -24.39
CA LEU B 375 -4.94 -15.82 -24.42
C LEU B 375 -4.51 -14.66 -25.31
N PHE B 376 -5.44 -14.08 -26.08
CA PHE B 376 -5.09 -12.99 -27.00
C PHE B 376 -6.07 -11.82 -26.87
N PRO B 377 -5.86 -10.96 -25.84
CA PRO B 377 -6.79 -9.84 -25.59
C PRO B 377 -7.04 -8.94 -26.79
N PHE B 378 -6.05 -8.77 -27.66
CA PHE B 378 -6.19 -7.99 -28.88
C PHE B 378 -7.45 -8.37 -29.66
N LEU B 379 -7.70 -9.67 -29.81
CA LEU B 379 -8.89 -10.13 -30.51
C LEU B 379 -10.15 -10.01 -29.64
N SER B 380 -10.08 -10.54 -28.43
CA SER B 380 -11.14 -10.37 -27.43
C SER B 380 -10.50 -10.27 -26.05
N PRO B 381 -10.87 -9.23 -25.28
CA PRO B 381 -11.96 -8.26 -25.50
C PRO B 381 -11.76 -7.10 -26.50
N GLN B 382 -10.52 -6.79 -26.83
CA GLN B 382 -10.23 -5.47 -27.41
C GLN B 382 -10.92 -5.18 -28.74
N ARG B 383 -11.01 -6.20 -29.60
CA ARG B 383 -11.61 -6.03 -30.93
C ARG B 383 -12.93 -6.81 -31.07
N ASP B 384 -13.55 -7.13 -29.94
CA ASP B 384 -14.76 -7.94 -29.92
C ASP B 384 -15.99 -7.05 -30.22
N PRO B 385 -16.70 -7.31 -31.34
CA PRO B 385 -17.85 -6.46 -31.68
C PRO B 385 -19.04 -6.59 -30.74
N GLU B 386 -19.06 -7.65 -29.92
CA GLU B 386 -20.11 -7.82 -28.90
C GLU B 386 -19.88 -6.95 -27.66
N ILE B 387 -18.65 -6.44 -27.51
CA ILE B 387 -18.29 -5.62 -26.37
C ILE B 387 -18.16 -4.14 -26.78
N TYR B 388 -17.57 -3.92 -27.94
CA TYR B 388 -17.29 -2.58 -28.44
C TYR B 388 -18.01 -2.37 -29.77
N THR B 389 -18.95 -1.43 -29.81
CA THR B 389 -19.65 -1.10 -31.05
C THR B 389 -18.66 -0.53 -32.08
N ASP B 390 -18.65 -1.13 -33.28
CA ASP B 390 -17.69 -0.77 -34.33
C ASP B 390 -16.26 -0.85 -33.80
N PRO B 391 -15.79 -2.06 -33.49
CA PRO B 391 -14.51 -2.21 -32.77
C PRO B 391 -13.27 -1.79 -33.58
N GLU B 392 -13.39 -1.72 -34.90
CA GLU B 392 -12.25 -1.35 -35.75
C GLU B 392 -12.09 0.17 -35.88
N VAL B 393 -13.02 0.93 -35.30
CA VAL B 393 -13.03 2.40 -35.39
C VAL B 393 -12.33 3.06 -34.19
N PHE B 394 -11.53 4.09 -34.45
CA PHE B 394 -10.99 4.92 -33.37
C PHE B 394 -12.05 5.91 -32.91
N LYS B 395 -12.60 5.67 -31.72
CA LYS B 395 -13.56 6.59 -31.11
C LYS B 395 -12.92 7.19 -29.88
N TYR B 396 -12.51 8.46 -29.97
CA TYR B 396 -11.67 9.06 -28.94
C TYR B 396 -12.32 9.08 -27.55
N ASN B 397 -13.65 9.11 -27.52
CA ASN B 397 -14.41 9.15 -26.27
C ASN B 397 -14.98 7.79 -25.87
N ARG B 398 -14.41 6.71 -26.41
CA ARG B 398 -14.95 5.39 -26.14
C ARG B 398 -14.87 5.03 -24.65
N PHE B 399 -13.90 5.61 -23.96
CA PHE B 399 -13.72 5.34 -22.53
C PHE B 399 -14.12 6.51 -21.66
N LEU B 400 -15.07 7.31 -22.17
CA LEU B 400 -15.70 8.36 -21.39
C LEU B 400 -17.19 8.10 -21.15
N ASN B 401 -17.62 8.31 -19.91
CA ASN B 401 -19.03 8.44 -19.55
C ASN B 401 -19.53 9.81 -19.98
N PRO B 402 -20.87 9.97 -20.12
CA PRO B 402 -21.46 11.26 -20.51
C PRO B 402 -21.07 12.47 -19.65
N ASP B 403 -20.83 12.25 -18.36
CA ASP B 403 -20.39 13.35 -17.48
C ASP B 403 -18.87 13.59 -17.53
N GLY B 404 -18.17 12.86 -18.40
CA GLY B 404 -16.74 13.04 -18.62
C GLY B 404 -15.86 12.24 -17.69
N SER B 405 -16.48 11.49 -16.78
CA SER B 405 -15.75 10.57 -15.92
C SER B 405 -15.31 9.37 -16.77
N GLU B 406 -14.34 8.61 -16.26
CA GLU B 406 -13.84 7.43 -16.95
C GLU B 406 -14.93 6.37 -17.07
N LYS B 407 -15.14 5.85 -18.29
CA LYS B 407 -16.06 4.74 -18.49
C LYS B 407 -15.38 3.44 -18.11
N LYS B 408 -16.01 2.67 -17.23
CA LYS B 408 -15.44 1.43 -16.71
C LYS B 408 -16.36 0.22 -16.90
N ASP B 409 -17.54 0.45 -17.48
CA ASP B 409 -18.59 -0.57 -17.56
C ASP B 409 -18.76 -1.12 -18.97
N PHE B 410 -18.25 -2.32 -19.20
CA PHE B 410 -18.34 -2.99 -20.49
C PHE B 410 -18.88 -4.41 -20.32
N TYR B 411 -19.56 -4.91 -21.36
CA TYR B 411 -20.34 -6.14 -21.25
C TYR B 411 -20.15 -7.10 -22.41
N LYS B 412 -20.27 -8.38 -22.10
CA LYS B 412 -20.49 -9.40 -23.12
C LYS B 412 -21.51 -10.37 -22.55
N ASP B 413 -22.47 -10.76 -23.39
CA ASP B 413 -23.59 -11.59 -22.99
C ASP B 413 -24.42 -10.91 -21.89
N GLY B 414 -24.42 -9.57 -21.90
CA GLY B 414 -25.14 -8.78 -20.90
C GLY B 414 -24.51 -8.78 -19.51
N LYS B 415 -23.33 -9.40 -19.38
CA LYS B 415 -22.63 -9.51 -18.10
C LYS B 415 -21.38 -8.65 -18.08
N ARG B 416 -21.18 -7.93 -16.97
CA ARG B 416 -20.08 -6.99 -16.83
C ARG B 416 -18.73 -7.69 -16.86
N LEU B 417 -17.80 -7.10 -17.58
CA LEU B 417 -16.46 -7.65 -17.75
C LEU B 417 -15.48 -7.07 -16.75
N LYS B 418 -14.73 -7.94 -16.07
CA LYS B 418 -13.61 -7.47 -15.26
C LYS B 418 -12.45 -7.09 -16.19
N ASN B 419 -12.33 -7.81 -17.29
CA ASN B 419 -11.26 -7.60 -18.27
C ASN B 419 -11.84 -7.19 -19.62
N TYR B 420 -11.71 -5.90 -19.94
CA TYR B 420 -12.26 -5.37 -21.19
C TYR B 420 -11.25 -4.68 -22.08
N ASN B 421 -10.13 -4.25 -21.51
CA ASN B 421 -9.05 -3.64 -22.28
C ASN B 421 -7.75 -3.98 -21.58
N MET B 422 -6.88 -4.75 -22.25
CA MET B 422 -5.80 -5.42 -21.53
C MET B 422 -4.39 -5.15 -22.06
N PRO B 423 -4.08 -3.88 -22.41
CA PRO B 423 -2.75 -3.62 -22.95
C PRO B 423 -1.64 -3.81 -21.90
N TRP B 424 -2.01 -3.78 -20.63
CA TRP B 424 -1.05 -3.86 -19.52
C TRP B 424 -0.96 -5.25 -18.94
N GLY B 425 -1.60 -6.23 -19.58
CA GLY B 425 -1.66 -7.59 -19.05
C GLY B 425 -2.67 -7.76 -17.92
N ALA B 426 -2.50 -8.83 -17.15
CA ALA B 426 -3.44 -9.18 -16.08
C ALA B 426 -2.85 -10.26 -15.19
N GLY B 427 -3.40 -10.39 -13.99
CA GLY B 427 -3.00 -11.46 -13.08
C GLY B 427 -1.54 -11.33 -12.69
N HIS B 428 -0.83 -12.47 -12.68
CA HIS B 428 0.56 -12.51 -12.26
C HIS B 428 1.46 -11.63 -13.12
N ASN B 429 1.13 -11.55 -14.42
CA ASN B 429 1.93 -10.80 -15.38
C ASN B 429 1.22 -9.52 -15.85
N HIS B 430 1.28 -8.49 -15.02
N HIS B 430 1.30 -8.50 -15.01
CA HIS B 430 0.73 -7.20 -15.39
CA HIS B 430 0.70 -7.18 -15.27
C HIS B 430 1.80 -6.14 -15.25
C HIS B 430 1.79 -6.11 -15.21
N CYS B 431 1.61 -5.03 -15.97
CA CYS B 431 2.61 -3.95 -16.00
C CYS B 431 2.82 -3.28 -14.65
N LEU B 432 4.03 -3.41 -14.11
CA LEU B 432 4.37 -2.76 -12.85
C LEU B 432 4.71 -1.28 -13.04
N GLY B 433 4.93 -0.90 -14.30
CA GLY B 433 5.25 0.49 -14.61
C GLY B 433 4.11 1.28 -15.21
N ARG B 434 2.88 0.78 -15.09
CA ARG B 434 1.71 1.37 -15.75
C ARG B 434 1.54 2.88 -15.50
N SER B 435 1.54 3.28 -14.23
CA SER B 435 1.32 4.69 -13.93
C SER B 435 2.45 5.56 -14.47
N TYR B 436 3.69 5.08 -14.37
CA TYR B 436 4.83 5.80 -14.94
C TYR B 436 4.70 5.91 -16.47
N ALA B 437 4.31 4.81 -17.11
CA ALA B 437 4.15 4.77 -18.57
C ALA B 437 3.07 5.74 -19.04
N VAL B 438 1.92 5.73 -18.38
CA VAL B 438 0.81 6.62 -18.71
C VAL B 438 1.24 8.08 -18.54
N ASN B 439 1.83 8.38 -17.38
CA ASN B 439 2.35 9.72 -17.10
C ASN B 439 3.28 10.20 -18.20
N SER B 440 4.22 9.34 -18.60
CA SER B 440 5.25 9.69 -19.57
C SER B 440 4.67 10.00 -20.93
N ILE B 441 3.75 9.15 -21.38
CA ILE B 441 3.12 9.36 -22.68
C ILE B 441 2.32 10.67 -22.67
N LYS B 442 1.58 10.92 -21.58
CA LYS B 442 0.82 12.16 -21.46
C LYS B 442 1.73 13.39 -21.44
N GLN B 443 2.87 13.29 -20.74
CA GLN B 443 3.84 14.39 -20.70
C GLN B 443 4.37 14.70 -22.09
N PHE B 444 4.68 13.65 -22.85
CA PHE B 444 5.13 13.82 -24.22
C PHE B 444 4.06 14.49 -25.08
N VAL B 445 2.82 14.02 -24.96
CA VAL B 445 1.72 14.62 -25.73
C VAL B 445 1.51 16.10 -25.35
N PHE B 446 1.59 16.39 -24.04
CA PHE B 446 1.55 17.77 -23.55
C PHE B 446 2.59 18.63 -24.26
N LEU B 447 3.84 18.17 -24.24
CA LEU B 447 4.95 18.94 -24.80
C LEU B 447 4.79 19.17 -26.31
N VAL B 448 4.38 18.12 -27.02
CA VAL B 448 4.20 18.19 -28.47
C VAL B 448 3.09 19.17 -28.85
N LEU B 449 1.95 19.06 -28.17
CA LEU B 449 0.78 19.88 -28.49
C LEU B 449 0.88 21.33 -28.03
N VAL B 450 1.62 21.59 -26.96
CA VAL B 450 1.73 22.95 -26.42
C VAL B 450 2.94 23.72 -26.94
N HIS B 451 4.06 23.04 -27.15
CA HIS B 451 5.32 23.68 -27.54
C HIS B 451 5.64 23.61 -29.03
N LEU B 452 4.99 22.69 -29.74
CA LEU B 452 5.31 22.46 -31.15
C LEU B 452 4.12 22.62 -32.08
N ASP B 453 4.41 22.84 -33.35
CA ASP B 453 3.45 22.62 -34.44
C ASP B 453 3.81 21.28 -35.06
N LEU B 454 2.82 20.40 -35.17
CA LEU B 454 3.02 19.07 -35.76
C LEU B 454 1.94 18.81 -36.81
N GLU B 455 2.36 18.45 -38.02
CA GLU B 455 1.44 18.25 -39.13
C GLU B 455 1.82 17.05 -39.99
N LEU B 456 0.80 16.35 -40.48
CA LEU B 456 1.00 15.37 -41.55
C LEU B 456 1.47 16.10 -42.81
N ILE B 457 2.40 15.50 -43.54
CA ILE B 457 2.80 16.02 -44.86
C ILE B 457 1.59 15.94 -45.82
N ASN B 458 0.88 14.81 -45.77
CA ASN B 458 -0.34 14.62 -46.53
C ASN B 458 -1.47 14.28 -45.58
N ALA B 459 -2.43 15.20 -45.43
CA ALA B 459 -3.55 15.02 -44.51
C ALA B 459 -4.45 13.82 -44.85
N ASP B 460 -4.36 13.36 -46.10
CA ASP B 460 -5.15 12.23 -46.56
C ASP B 460 -4.34 10.92 -46.57
N VAL B 461 -3.19 10.93 -45.92
CA VAL B 461 -2.35 9.73 -45.79
C VAL B 461 -3.15 8.61 -45.10
N GLU B 462 -3.00 7.39 -45.60
CA GLU B 462 -3.63 6.24 -44.98
C GLU B 462 -2.90 5.85 -43.72
N ILE B 463 -3.65 5.41 -42.71
CA ILE B 463 -3.04 4.79 -41.55
C ILE B 463 -2.39 3.49 -42.05
N PRO B 464 -1.09 3.31 -41.80
CA PRO B 464 -0.43 2.10 -42.29
C PRO B 464 -1.00 0.85 -41.66
N GLU B 465 -0.95 -0.27 -42.38
CA GLU B 465 -1.28 -1.55 -41.78
C GLU B 465 -0.14 -1.95 -40.83
N PHE B 466 -0.35 -3.01 -40.06
CA PHE B 466 0.67 -3.43 -39.10
C PHE B 466 1.82 -4.19 -39.75
N ASP B 467 2.99 -4.09 -39.10
CA ASP B 467 4.05 -5.06 -39.25
C ASP B 467 3.55 -6.30 -38.51
N LEU B 468 3.09 -7.30 -39.25
CA LEU B 468 2.43 -8.46 -38.66
C LEU B 468 3.36 -9.32 -37.79
N SER B 469 4.67 -9.15 -37.96
CA SER B 469 5.64 -9.90 -37.16
C SER B 469 5.61 -9.48 -35.68
N ARG B 470 5.00 -8.33 -35.41
CA ARG B 470 4.95 -7.77 -34.07
C ARG B 470 3.91 -8.42 -33.16
N TYR B 471 2.92 -9.10 -33.73
CA TYR B 471 1.87 -9.72 -32.91
C TYR B 471 2.49 -10.58 -31.83
N GLY B 472 2.04 -10.38 -30.59
CA GLY B 472 2.52 -11.18 -29.47
C GLY B 472 3.46 -10.49 -28.50
N PHE B 473 4.19 -9.48 -28.97
CA PHE B 473 5.23 -8.84 -28.16
C PHE B 473 4.75 -7.68 -27.27
N GLY B 474 3.77 -6.95 -27.78
CA GLY B 474 3.30 -5.75 -27.10
C GLY B 474 2.69 -4.81 -28.12
N LEU B 475 3.11 -3.56 -28.11
CA LEU B 475 2.58 -2.61 -29.08
C LEU B 475 2.94 -2.99 -30.50
N MET B 476 1.95 -2.94 -31.38
CA MET B 476 2.19 -3.13 -32.80
C MET B 476 2.97 -1.93 -33.35
N GLN B 477 3.65 -2.17 -34.46
CA GLN B 477 4.39 -1.11 -35.16
C GLN B 477 3.91 -1.11 -36.61
N PRO B 478 3.97 0.06 -37.30
CA PRO B 478 3.45 0.15 -38.67
C PRO B 478 4.36 -0.50 -39.70
N GLU B 479 3.77 -0.95 -40.81
CA GLU B 479 4.55 -1.52 -41.93
C GLU B 479 5.54 -0.51 -42.52
N HIS B 480 5.16 0.76 -42.46
CA HIS B 480 6.03 1.87 -42.86
C HIS B 480 5.63 3.11 -42.08
N ASP B 481 6.54 4.08 -42.01
CA ASP B 481 6.31 5.28 -41.21
C ASP B 481 5.42 6.29 -41.94
N VAL B 482 4.93 7.26 -41.18
CA VAL B 482 4.09 8.33 -41.71
C VAL B 482 4.87 9.63 -41.65
N PRO B 483 5.16 10.23 -42.82
CA PRO B 483 5.85 11.51 -42.87
C PRO B 483 5.07 12.63 -42.19
N VAL B 484 5.74 13.32 -41.29
CA VAL B 484 5.20 14.52 -40.67
C VAL B 484 6.24 15.64 -40.74
N ARG B 485 5.83 16.83 -40.37
CA ARG B 485 6.79 17.92 -40.15
C ARG B 485 6.45 18.60 -38.83
N TYR B 486 7.50 19.02 -38.12
CA TYR B 486 7.29 19.74 -36.87
C TYR B 486 8.23 20.93 -36.76
N ARG B 487 7.85 21.87 -35.91
CA ARG B 487 8.68 23.03 -35.57
C ARG B 487 8.32 23.50 -34.18
N ILE B 488 9.23 24.23 -33.55
CA ILE B 488 8.90 24.97 -32.34
C ILE B 488 7.87 26.02 -32.71
N ARG B 489 6.82 26.13 -31.90
CA ARG B 489 5.79 27.15 -32.05
C ARG B 489 6.47 28.52 -32.07
N PRO B 490 6.32 29.27 -33.18
CA PRO B 490 6.97 30.59 -33.27
C PRO B 490 6.27 31.60 -32.37
N HIS B 491 7.04 32.54 -31.84
CA HIS B 491 6.53 33.64 -31.01
C HIS B 491 5.57 33.19 -29.92
C1 BOG C . -7.03 8.64 39.36
O1 BOG C . -6.54 7.43 38.78
C2 BOG C . -7.40 8.40 40.84
O2 BOG C . -8.46 7.44 40.90
C3 BOG C . -7.80 9.68 41.57
O3 BOG C . -7.89 9.42 42.97
C4 BOG C . -6.79 10.80 41.32
O4 BOG C . -7.27 12.01 41.91
C5 BOG C . -6.54 10.96 39.81
O5 BOG C . -6.08 9.72 39.26
C6 BOG C . -5.56 12.09 39.49
O6 BOG C . -4.21 11.68 39.72
C1' BOG C . -5.22 7.05 39.18
C2' BOG C . -4.56 6.11 38.16
C3' BOG C . -4.94 6.40 36.71
C4' BOG C . -4.31 7.68 36.18
C5' BOG C . -4.96 8.13 34.88
C6' BOG C . -4.34 9.43 34.39
C7' BOG C . -5.01 10.66 35.00
C8' BOG C . -4.02 11.48 35.79
NAO MXD D . -6.24 0.03 27.91
CAE MXD D . -7.41 -0.45 28.42
CAF MXD D . -7.87 -0.04 29.67
NAC MXD D . -8.18 -1.38 27.69
OAN MXD D . -7.80 -1.77 26.58
CAA MXD D . -9.35 -1.83 28.18
NAM MXD D . -10.08 -2.71 27.46
NAB MXD D . -9.78 -1.44 29.38
CAD MXD D . -9.08 -0.56 30.14
NAI MXD D . -9.61 -0.21 31.38
CAG MXD D . -10.87 -0.82 31.81
CAK MXD D . -8.91 0.79 32.21
CAL MXD D . -8.78 0.20 33.62
CAJ MXD D . -10.10 -0.34 34.17
CAH MXD D . -11.25 -0.25 33.18
CHA HEM E . -6.70 -3.92 29.88
CHB HEM E . -3.58 -1.81 26.79
CHC HEM E . -6.70 -2.62 23.15
CHD HEM E . -9.21 -5.59 26.02
C1A HEM E . -5.63 -3.19 29.38
C2A HEM E . -4.59 -2.56 30.16
C3A HEM E . -3.72 -1.98 29.31
C4A HEM E . -4.18 -2.22 27.96
CMA HEM E . -2.46 -1.16 29.67
CAA HEM E . -4.53 -2.56 31.70
CBA HEM E . -5.53 -1.48 32.17
CGA HEM E . -5.43 -1.19 33.65
O1A HEM E . -5.94 -2.03 34.45
O2A HEM E . -4.87 -0.13 34.02
C1B HEM E . -4.15 -1.80 25.52
C2B HEM E . -3.61 -1.20 24.33
C3B HEM E . -4.47 -1.43 23.32
C4B HEM E . -5.59 -2.17 23.86
CMB HEM E . -2.26 -0.46 24.27
CAB HEM E . -4.36 -0.99 21.84
CBB HEM E . -3.21 -0.66 21.24
C1C HEM E . -7.64 -3.53 23.59
C2C HEM E . -8.71 -4.10 22.80
C3C HEM E . -9.41 -4.93 23.60
C4C HEM E . -8.80 -4.89 24.91
CMC HEM E . -8.93 -3.80 21.31
CAC HEM E . -10.64 -5.81 23.24
CBC HEM E . -11.45 -5.48 22.22
C1D HEM E . -8.83 -5.38 27.32
C2D HEM E . -9.52 -5.88 28.49
C3D HEM E . -8.74 -5.35 29.68
C4D HEM E . -7.64 -4.58 29.13
CMD HEM E . -10.79 -6.75 28.54
CAD HEM E . -9.04 -5.59 31.17
CBD HEM E . -10.06 -4.55 31.63
CGD HEM E . -10.39 -4.76 33.09
O1D HEM E . -11.60 -4.96 33.39
O2D HEM E . -9.47 -4.73 33.93
NA HEM E . -5.35 -2.98 28.04
NB HEM E . -5.36 -2.38 25.20
NC HEM E . -7.74 -4.01 24.87
ND HEM E . -7.73 -4.60 27.74
FE HEM E . -6.53 -3.52 26.43
C1 BOG F . 7.59 -18.45 -27.12
O1 BOG F . 6.88 -17.80 -26.06
C2 BOG F . 8.28 -19.70 -26.59
O2 BOG F . 9.13 -19.37 -25.49
C3 BOG F . 9.06 -20.42 -27.68
O3 BOG F . 9.56 -21.66 -27.18
C4 BOG F . 8.18 -20.69 -28.90
O4 BOG F . 8.99 -21.19 -29.97
C5 BOG F . 7.42 -19.42 -29.34
O5 BOG F . 6.74 -18.83 -28.23
C6 BOG F . 6.44 -19.68 -30.48
O6 BOG F . 5.68 -20.89 -30.25
C1' BOG F . 5.48 -17.60 -26.24
C2' BOG F . 5.09 -16.14 -26.06
C3' BOG F . 5.87 -15.23 -27.03
C4' BOG F . 5.09 -14.01 -27.47
C5' BOG F . 5.82 -13.30 -28.61
C6' BOG F . 5.30 -13.75 -29.97
C7' BOG F . 6.34 -14.57 -30.72
C8' BOG F . 5.72 -15.33 -31.87
NAO MXD G . 5.60 -4.90 -21.74
CAE MXD G . 6.62 -5.34 -20.96
CAF MXD G . 7.04 -6.65 -21.03
NAC MXD G . 7.24 -4.46 -20.06
OAN MXD G . 6.84 -3.27 -20.01
CAA MXD G . 8.26 -4.88 -19.29
NAM MXD G . 8.87 -4.02 -18.45
NAB MXD G . 8.68 -6.17 -19.36
CAD MXD G . 8.09 -7.06 -20.21
NAI MXD G . 8.56 -8.39 -20.27
CAG MXD G . 9.58 -8.83 -19.33
CAK MXD G . 8.02 -9.29 -21.30
CAL MXD G . 7.60 -10.60 -20.64
CAJ MXD G . 8.74 -11.17 -19.81
CAH MXD G . 9.18 -10.18 -18.73
CHA HEM H . 5.21 -5.96 -17.42
CHB HEM H . 2.73 -3.54 -20.83
CHC HEM H . 5.67 0.28 -20.22
CHD HEM H . 7.49 -1.81 -16.22
C1A HEM H . 4.35 -5.65 -18.45
C2A HEM H . 3.45 -6.59 -19.09
C3A HEM H . 2.75 -5.94 -20.03
C4A HEM H . 3.19 -4.55 -20.01
CMA HEM H . 1.69 -6.55 -20.98
CAA HEM H . 3.35 -8.10 -18.75
CBA HEM H . 4.49 -8.75 -19.52
CGA HEM H . 4.50 -10.24 -19.42
O1A HEM H . 4.84 -10.78 -18.33
O2A HEM H . 4.19 -10.90 -20.45
C1B HEM H . 3.31 -2.29 -20.97
C2B HEM H . 2.88 -1.26 -21.87
C3B HEM H . 3.68 -0.20 -21.73
C4B HEM H . 4.66 -0.52 -20.69
CMB HEM H . 1.68 -1.39 -22.84
CAB HEM H . 3.52 1.11 -22.54
CBB HEM H . 4.32 2.15 -22.31
C1C HEM H . 6.40 0.06 -19.06
C2C HEM H . 7.34 0.99 -18.45
C3C HEM H . 7.85 0.41 -17.35
C4C HEM H . 7.25 -0.90 -17.22
CMC HEM H . 7.70 2.38 -18.98
CAC HEM H . 8.90 1.06 -16.40
CBC HEM H . 9.82 0.31 -15.78
C1D HEM H . 7.09 -3.13 -16.20
C2D HEM H . 7.60 -4.12 -15.28
C3D HEM H . 6.89 -5.42 -15.66
C4D HEM H . 6.03 -5.08 -16.77
CMD HEM H . 8.64 -3.91 -14.17
CAD HEM H . 7.06 -6.80 -15.00
CBD HEM H . 8.05 -7.56 -15.88
CGD HEM H . 8.46 -8.87 -15.26
O1D HEM H . 7.58 -9.76 -15.09
O2D HEM H . 9.66 -9.03 -14.94
NA HEM H . 4.15 -4.41 -19.03
NB HEM H . 4.40 -1.81 -20.27
NC HEM H . 6.38 -1.08 -18.28
ND HEM H . 6.18 -3.72 -17.06
FE HEM H . 5.24 -2.73 -18.61
#